data_2OCH
# 
_entry.id   2OCH 
# 
_audit_conform.dict_name       mmcif_pdbx.dic 
_audit_conform.dict_version    5.377 
_audit_conform.dict_location   http://mmcif.pdb.org/dictionaries/ascii/mmcif_pdbx.dic 
# 
loop_
_database_2.database_id 
_database_2.database_code 
_database_2.pdbx_database_accession 
_database_2.pdbx_DOI 
PDB   2OCH         pdb_00002och 10.2210/pdb2och/pdb 
RCSB  RCSB040961   ?            ?                   
WWPDB D_1000040961 ?            ?                   
# 
loop_
_pdbx_database_related.db_name 
_pdbx_database_related.db_id 
_pdbx_database_related.details 
_pdbx_database_related.content_type 
PDB      2O37       'J-domain of Sis1 protein from Saccharomyces cerevisiae.'                                   unspecified 
PDB      1BQZ       'J-DOMAIN OF THE ESCHERICHIA COLI N-TERMINAL FRAGMENT OF THE MOLECULAR CHAPERONE DNAJ, NMR' unspecified 
TargetDB APC90013.2 .                                                                                           unspecified 
# 
_pdbx_database_status.status_code                     REL 
_pdbx_database_status.entry_id                        2OCH 
_pdbx_database_status.recvd_initial_deposition_date   2006-12-20 
_pdbx_database_status.deposit_site                    RCSB 
_pdbx_database_status.process_site                    RCSB 
_pdbx_database_status.status_code_sf                  REL 
_pdbx_database_status.status_code_mr                  ? 
_pdbx_database_status.SG_entry                        Y 
_pdbx_database_status.pdb_format_compatible           Y 
_pdbx_database_status.status_code_cs                  ? 
_pdbx_database_status.status_code_nmr_data            ? 
_pdbx_database_status.methods_development_category    ? 
# 
loop_
_audit_author.name 
_audit_author.pdbx_ordinal 
'Osipiuk, J.'                                   1 
'Maltseva, N.'                                  2 
'Gu, M.'                                        3 
'Voisine, C.'                                   4 
'Morimoto, R.I.'                                5 
'Joachimiak, A.'                                6 
'Midwest Center for Structural Genomics (MCSG)' 7 
# 
_citation.id                        primary 
_citation.title                     'X-ray crystal structure of J-domain of dnj-12 from Caenorhabditis elegans.' 
_citation.journal_abbrev            'To be Published' 
_citation.journal_volume            ? 
_citation.page_first                ? 
_citation.page_last                 ? 
_citation.year                      ? 
_citation.journal_id_ASTM           ? 
_citation.country                   ? 
_citation.journal_id_ISSN           ? 
_citation.journal_id_CSD            0353 
_citation.book_publisher            ? 
_citation.pdbx_database_id_PubMed   ? 
_citation.pdbx_database_id_DOI      ? 
# 
loop_
_citation_author.citation_id 
_citation_author.name 
_citation_author.ordinal 
_citation_author.identifier_ORCID 
primary 'Osipiuk, J.'    1 ? 
primary 'Maltseva, N.'   2 ? 
primary 'Gu, M.'         3 ? 
primary 'Voisine, C.'    4 ? 
primary 'Morimoto, R.I.' 5 ? 
primary 'Joachimiak, A.' 6 ? 
# 
_cell.entry_id           2OCH 
_cell.length_a           37.664 
_cell.length_b           51.758 
_cell.length_c           85.803 
_cell.angle_alpha        90.00 
_cell.angle_beta         90.00 
_cell.angle_gamma        90.00 
_cell.Z_PDB              8 
_cell.pdbx_unique_axis   ? 
_cell.length_a_esd       ? 
_cell.length_b_esd       ? 
_cell.length_c_esd       ? 
_cell.angle_alpha_esd    ? 
_cell.angle_beta_esd     ? 
_cell.angle_gamma_esd    ? 
# 
_symmetry.entry_id                         2OCH 
_symmetry.space_group_name_H-M             'I 21 21 21' 
_symmetry.pdbx_full_space_group_name_H-M   ? 
_symmetry.cell_setting                     ? 
_symmetry.Int_Tables_number                24 
_symmetry.space_group_name_Hall            ? 
# 
loop_
_entity.id 
_entity.type 
_entity.src_method 
_entity.pdbx_description 
_entity.formula_weight 
_entity.pdbx_number_of_molecules 
_entity.pdbx_ec 
_entity.pdbx_mutation 
_entity.pdbx_fragment 
_entity.details 
1 polymer man 'Hypothetical protein dnj-12' 8355.271 1  ? ? 'residues 1-70' ? 
2 water   nat water                         18.015   51 ? ? ?               ? 
# 
_entity_poly.entity_id                      1 
_entity_poly.type                           'polypeptide(L)' 
_entity_poly.nstd_linkage                   no 
_entity_poly.nstd_monomer                   no 
_entity_poly.pdbx_seq_one_letter_code       SNAMVKETGYYDVLGVKPDASDNELKKAYRKMALKFHPDKNPDGAEQFKQISQAYEVLSDEKKRQIYDQGGEE 
_entity_poly.pdbx_seq_one_letter_code_can   SNAMVKETGYYDVLGVKPDASDNELKKAYRKMALKFHPDKNPDGAEQFKQISQAYEVLSDEKKRQIYDQGGEE 
_entity_poly.pdbx_strand_id                 A 
_entity_poly.pdbx_target_identifier         APC90013.2 
# 
loop_
_entity_poly_seq.entity_id 
_entity_poly_seq.num 
_entity_poly_seq.mon_id 
_entity_poly_seq.hetero 
1 1  SER n 
1 2  ASN n 
1 3  ALA n 
1 4  MET n 
1 5  VAL n 
1 6  LYS n 
1 7  GLU n 
1 8  THR n 
1 9  GLY n 
1 10 TYR n 
1 11 TYR n 
1 12 ASP n 
1 13 VAL n 
1 14 LEU n 
1 15 GLY n 
1 16 VAL n 
1 17 LYS n 
1 18 PRO n 
1 19 ASP n 
1 20 ALA n 
1 21 SER n 
1 22 ASP n 
1 23 ASN n 
1 24 GLU n 
1 25 LEU n 
1 26 LYS n 
1 27 LYS n 
1 28 ALA n 
1 29 TYR n 
1 30 ARG n 
1 31 LYS n 
1 32 MET n 
1 33 ALA n 
1 34 LEU n 
1 35 LYS n 
1 36 PHE n 
1 37 HIS n 
1 38 PRO n 
1 39 ASP n 
1 40 LYS n 
1 41 ASN n 
1 42 PRO n 
1 43 ASP n 
1 44 GLY n 
1 45 ALA n 
1 46 GLU n 
1 47 GLN n 
1 48 PHE n 
1 49 LYS n 
1 50 GLN n 
1 51 ILE n 
1 52 SER n 
1 53 GLN n 
1 54 ALA n 
1 55 TYR n 
1 56 GLU n 
1 57 VAL n 
1 58 LEU n 
1 59 SER n 
1 60 ASP n 
1 61 GLU n 
1 62 LYS n 
1 63 LYS n 
1 64 ARG n 
1 65 GLN n 
1 66 ILE n 
1 67 TYR n 
1 68 ASP n 
1 69 GLN n 
1 70 GLY n 
1 71 GLY n 
1 72 GLU n 
1 73 GLU n 
# 
_entity_src_gen.entity_id                          1 
_entity_src_gen.pdbx_src_id                        1 
_entity_src_gen.pdbx_alt_source_flag               sample 
_entity_src_gen.pdbx_seq_type                      ? 
_entity_src_gen.pdbx_beg_seq_num                   ? 
_entity_src_gen.pdbx_end_seq_num                   ? 
_entity_src_gen.gene_src_common_name               ? 
_entity_src_gen.gene_src_genus                     Caenorhabditis 
_entity_src_gen.pdbx_gene_src_gene                 dnj-12 
_entity_src_gen.gene_src_species                   ? 
_entity_src_gen.gene_src_strain                    ? 
_entity_src_gen.gene_src_tissue                    ? 
_entity_src_gen.gene_src_tissue_fraction           ? 
_entity_src_gen.gene_src_details                   ? 
_entity_src_gen.pdbx_gene_src_fragment             ? 
_entity_src_gen.pdbx_gene_src_scientific_name      'Caenorhabditis elegans' 
_entity_src_gen.pdbx_gene_src_ncbi_taxonomy_id     6239 
_entity_src_gen.pdbx_gene_src_variant              ? 
_entity_src_gen.pdbx_gene_src_cell_line            ? 
_entity_src_gen.pdbx_gene_src_atcc                 ? 
_entity_src_gen.pdbx_gene_src_organ                ? 
_entity_src_gen.pdbx_gene_src_organelle            ? 
_entity_src_gen.pdbx_gene_src_cell                 ? 
_entity_src_gen.pdbx_gene_src_cellular_location    ? 
_entity_src_gen.host_org_common_name               ? 
_entity_src_gen.pdbx_host_org_scientific_name      'Escherichia coli BL21(DE3)' 
_entity_src_gen.pdbx_host_org_ncbi_taxonomy_id     469008 
_entity_src_gen.host_org_genus                     Escherichia 
_entity_src_gen.pdbx_host_org_gene                 ? 
_entity_src_gen.pdbx_host_org_organ                ? 
_entity_src_gen.host_org_species                   'Escherichia coli' 
_entity_src_gen.pdbx_host_org_tissue               ? 
_entity_src_gen.pdbx_host_org_tissue_fraction      ? 
_entity_src_gen.pdbx_host_org_strain               'BL21(DE3)' 
_entity_src_gen.pdbx_host_org_variant              ? 
_entity_src_gen.pdbx_host_org_cell_line            ? 
_entity_src_gen.pdbx_host_org_atcc                 ? 
_entity_src_gen.pdbx_host_org_culture_collection   ? 
_entity_src_gen.pdbx_host_org_cell                 ? 
_entity_src_gen.pdbx_host_org_organelle            ? 
_entity_src_gen.pdbx_host_org_cellular_location    ? 
_entity_src_gen.pdbx_host_org_vector_type          PLASMID 
_entity_src_gen.pdbx_host_org_vector               ? 
_entity_src_gen.host_org_details                   ? 
_entity_src_gen.expression_system_id               ? 
_entity_src_gen.plasmid_name                       pMCSG7 
_entity_src_gen.plasmid_details                    ? 
_entity_src_gen.pdbx_description                   ? 
# 
_struct_ref.id                         1 
_struct_ref.db_name                    UNP 
_struct_ref.db_code                    O45502_CAEEL 
_struct_ref.pdbx_db_accession          O45502 
_struct_ref.entity_id                  1 
_struct_ref.pdbx_seq_one_letter_code   MVKETGYYDVLGVKPDASDNELKKAYRKMALKFHPDKNPDGAEQFKQISQAYEVLSDEKKRQIYDQGGEE 
_struct_ref.pdbx_align_begin           1 
_struct_ref.pdbx_db_isoform            ? 
# 
_struct_ref_seq.align_id                      1 
_struct_ref_seq.ref_id                        1 
_struct_ref_seq.pdbx_PDB_id_code              2OCH 
_struct_ref_seq.pdbx_strand_id                A 
_struct_ref_seq.seq_align_beg                 4 
_struct_ref_seq.pdbx_seq_align_beg_ins_code   ? 
_struct_ref_seq.seq_align_end                 73 
_struct_ref_seq.pdbx_seq_align_end_ins_code   ? 
_struct_ref_seq.pdbx_db_accession             O45502 
_struct_ref_seq.db_align_beg                  1 
_struct_ref_seq.pdbx_db_align_beg_ins_code    ? 
_struct_ref_seq.db_align_end                  70 
_struct_ref_seq.pdbx_db_align_end_ins_code    ? 
_struct_ref_seq.pdbx_auth_seq_align_beg       1 
_struct_ref_seq.pdbx_auth_seq_align_end       70 
# 
loop_
_struct_ref_seq_dif.align_id 
_struct_ref_seq_dif.pdbx_pdb_id_code 
_struct_ref_seq_dif.mon_id 
_struct_ref_seq_dif.pdbx_pdb_strand_id 
_struct_ref_seq_dif.seq_num 
_struct_ref_seq_dif.pdbx_pdb_ins_code 
_struct_ref_seq_dif.pdbx_seq_db_name 
_struct_ref_seq_dif.pdbx_seq_db_accession_code 
_struct_ref_seq_dif.db_mon_id 
_struct_ref_seq_dif.pdbx_seq_db_seq_num 
_struct_ref_seq_dif.details 
_struct_ref_seq_dif.pdbx_auth_seq_num 
_struct_ref_seq_dif.pdbx_ordinal 
1 2OCH SER A 1 ? UNP O45502 ? ? 'cloning artifact' -2 1 
1 2OCH ASN A 2 ? UNP O45502 ? ? 'cloning artifact' -1 2 
1 2OCH ALA A 3 ? UNP O45502 ? ? 'cloning artifact' 0  3 
# 
loop_
_chem_comp.id 
_chem_comp.type 
_chem_comp.mon_nstd_flag 
_chem_comp.name 
_chem_comp.pdbx_synonyms 
_chem_comp.formula 
_chem_comp.formula_weight 
ALA 'L-peptide linking' y ALANINE         ? 'C3 H7 N O2'     89.093  
ARG 'L-peptide linking' y ARGININE        ? 'C6 H15 N4 O2 1' 175.209 
ASN 'L-peptide linking' y ASPARAGINE      ? 'C4 H8 N2 O3'    132.118 
ASP 'L-peptide linking' y 'ASPARTIC ACID' ? 'C4 H7 N O4'     133.103 
GLN 'L-peptide linking' y GLUTAMINE       ? 'C5 H10 N2 O3'   146.144 
GLU 'L-peptide linking' y 'GLUTAMIC ACID' ? 'C5 H9 N O4'     147.129 
GLY 'peptide linking'   y GLYCINE         ? 'C2 H5 N O2'     75.067  
HIS 'L-peptide linking' y HISTIDINE       ? 'C6 H10 N3 O2 1' 156.162 
HOH non-polymer         . WATER           ? 'H2 O'           18.015  
ILE 'L-peptide linking' y ISOLEUCINE      ? 'C6 H13 N O2'    131.173 
LEU 'L-peptide linking' y LEUCINE         ? 'C6 H13 N O2'    131.173 
LYS 'L-peptide linking' y LYSINE          ? 'C6 H15 N2 O2 1' 147.195 
MET 'L-peptide linking' y METHIONINE      ? 'C5 H11 N O2 S'  149.211 
PHE 'L-peptide linking' y PHENYLALANINE   ? 'C9 H11 N O2'    165.189 
PRO 'L-peptide linking' y PROLINE         ? 'C5 H9 N O2'     115.130 
SER 'L-peptide linking' y SERINE          ? 'C3 H7 N O3'     105.093 
THR 'L-peptide linking' y THREONINE       ? 'C4 H9 N O3'     119.119 
TYR 'L-peptide linking' y TYROSINE        ? 'C9 H11 N O3'    181.189 
VAL 'L-peptide linking' y VALINE          ? 'C5 H11 N O2'    117.146 
# 
_exptl.entry_id          2OCH 
_exptl.method            'X-RAY DIFFRACTION' 
_exptl.crystals_number   1 
# 
_exptl_crystal.id                    1 
_exptl_crystal.density_meas          ? 
_exptl_crystal.density_Matthews      2.50 
_exptl_crystal.density_percent_sol   50.83 
_exptl_crystal.description           ? 
_exptl_crystal.F_000                 ? 
_exptl_crystal.preparation           ? 
# 
_exptl_crystal_grow.crystal_id      1 
_exptl_crystal_grow.method          'VAPOR DIFFUSION, SITTING DROP' 
_exptl_crystal_grow.temp            277 
_exptl_crystal_grow.temp_details    ? 
_exptl_crystal_grow.pH              7.0 
_exptl_crystal_grow.pdbx_details    '2.4 M sodium malonate, pH 7.0, VAPOR DIFFUSION, SITTING DROP, temperature 277K' 
_exptl_crystal_grow.pdbx_pH_range   . 
# 
_diffrn.id                     1 
_diffrn.ambient_temp           100 
_diffrn.ambient_temp_details   ? 
_diffrn.crystal_id             1 
# 
_diffrn_detector.diffrn_id              1 
_diffrn_detector.detector               CCD 
_diffrn_detector.type                   SBC-3 
_diffrn_detector.pdbx_collection_date   2006-11-21 
_diffrn_detector.details                ? 
# 
_diffrn_radiation.diffrn_id                        1 
_diffrn_radiation.wavelength_id                    1 
_diffrn_radiation.pdbx_monochromatic_or_laue_m_l   M 
_diffrn_radiation.monochromator                    'double crystal monochromator' 
_diffrn_radiation.pdbx_diffrn_protocol             'SINGLE WAVELENGTH' 
_diffrn_radiation.pdbx_scattering_type             x-ray 
# 
_diffrn_radiation_wavelength.id           1 
_diffrn_radiation_wavelength.wavelength   0.979 
_diffrn_radiation_wavelength.wt           1.0 
# 
_diffrn_source.diffrn_id                   1 
_diffrn_source.source                      SYNCHROTRON 
_diffrn_source.type                        'APS BEAMLINE 19-BM' 
_diffrn_source.pdbx_synchrotron_site       APS 
_diffrn_source.pdbx_synchrotron_beamline   19-BM 
_diffrn_source.pdbx_wavelength             ? 
_diffrn_source.pdbx_wavelength_list        0.979 
# 
_reflns.entry_id                     2OCH 
_reflns.observed_criterion_sigma_F   0 
_reflns.observed_criterion_sigma_I   0 
_reflns.d_resolution_high            1.85 
_reflns.d_resolution_low             34.5 
_reflns.number_all                   7363 
_reflns.number_obs                   7363 
_reflns.percent_possible_obs         99.9 
_reflns.pdbx_Rmerge_I_obs            0.052 
_reflns.pdbx_Rsym_value              ? 
_reflns.pdbx_netI_over_sigmaI        34.8 
_reflns.B_iso_Wilson_estimate        38.7 
_reflns.pdbx_redundancy              6.5 
_reflns.R_free_details               ? 
_reflns.limit_h_max                  ? 
_reflns.limit_h_min                  ? 
_reflns.limit_k_max                  ? 
_reflns.limit_k_min                  ? 
_reflns.limit_l_max                  ? 
_reflns.limit_l_min                  ? 
_reflns.observed_criterion_F_max     ? 
_reflns.observed_criterion_F_min     ? 
_reflns.pdbx_chi_squared             ? 
_reflns.pdbx_scaling_rejects         ? 
_reflns.pdbx_ordinal                 1 
_reflns.pdbx_diffrn_id               1 
# 
_reflns_shell.d_res_high             1.85 
_reflns_shell.d_res_low              1.90 
_reflns_shell.percent_possible_all   99.9 
_reflns_shell.Rmerge_I_obs           0.601 
_reflns_shell.pdbx_Rsym_value        ? 
_reflns_shell.meanI_over_sigI_obs    3.04 
_reflns_shell.pdbx_redundancy        6.8 
_reflns_shell.percent_possible_obs   ? 
_reflns_shell.number_unique_all      604 
_reflns_shell.number_measured_all    ? 
_reflns_shell.number_measured_obs    ? 
_reflns_shell.number_unique_obs      ? 
_reflns_shell.pdbx_chi_squared       ? 
_reflns_shell.pdbx_ordinal           1 
_reflns_shell.pdbx_diffrn_id         1 
# 
_refine.entry_id                                 2OCH 
_refine.ls_number_reflns_obs                     7358 
_refine.ls_number_reflns_all                     7358 
_refine.pdbx_ls_sigma_I                          0 
_refine.pdbx_ls_sigma_F                          0 
_refine.pdbx_data_cutoff_high_absF               ? 
_refine.pdbx_data_cutoff_low_absF                ? 
_refine.pdbx_data_cutoff_high_rms_absF           ? 
_refine.ls_d_res_low                             34.60 
_refine.ls_d_res_high                            1.86 
_refine.ls_percent_reflns_obs                    99.18 
_refine.ls_R_factor_obs                          0.2204 
_refine.ls_R_factor_all                          0.2204 
_refine.ls_R_factor_R_work                       0.2191 
_refine.ls_R_factor_R_free                       0.2472 
_refine.ls_R_factor_R_free_error                 ? 
_refine.ls_R_factor_R_free_error_details         ? 
_refine.ls_percent_reflns_R_free                 4.6 
_refine.ls_number_reflns_R_free                  342 
_refine.ls_number_parameters                     ? 
_refine.ls_number_restraints                     ? 
_refine.occupancy_min                            ? 
_refine.occupancy_max                            ? 
_refine.correlation_coeff_Fo_to_Fc               0.945 
_refine.correlation_coeff_Fo_to_Fc_free          0.931 
_refine.B_iso_mean                               23.324 
_refine.aniso_B[1][1]                            1.11 
_refine.aniso_B[2][2]                            -0.42 
_refine.aniso_B[3][3]                            -0.69 
_refine.aniso_B[1][2]                            0.00 
_refine.aniso_B[1][3]                            0.00 
_refine.aniso_B[2][3]                            0.00 
_refine.solvent_model_details                    MASK 
_refine.solvent_model_param_ksol                 ? 
_refine.solvent_model_param_bsol                 ? 
_refine.pdbx_solvent_vdw_probe_radii             1.20 
_refine.pdbx_solvent_ion_probe_radii             0.80 
_refine.pdbx_solvent_shrinkage_radii             0.80 
_refine.pdbx_ls_cross_valid_method               THROUGHOUT 
_refine.details                                  'HYDROGENS HAVE BEEN ADDED IN THE RIDING POSITIONS' 
_refine.pdbx_starting_model                      '2O37 PDB ENTRY' 
_refine.pdbx_method_to_determine_struct          'MOLECULAR REPLACEMENT' 
_refine.pdbx_isotropic_thermal_model             ? 
_refine.pdbx_stereochemistry_target_values       'MAXIMUM LIKELIHOOD' 
_refine.pdbx_stereochem_target_val_spec_case     ? 
_refine.pdbx_R_Free_selection_details            RANDOM 
_refine.pdbx_overall_ESU_R                       0.154 
_refine.pdbx_overall_ESU_R_Free                  0.140 
_refine.overall_SU_ML                            0.102 
_refine.overall_SU_B                             6.518 
_refine.ls_redundancy_reflns_obs                 ? 
_refine.B_iso_min                                ? 
_refine.B_iso_max                                ? 
_refine.overall_SU_R_Cruickshank_DPI             ? 
_refine.overall_SU_R_free                        ? 
_refine.ls_wR_factor_R_free                      ? 
_refine.ls_wR_factor_R_work                      ? 
_refine.overall_FOM_free_R_set                   ? 
_refine.overall_FOM_work_R_set                   ? 
_refine.pdbx_refine_id                           'X-RAY DIFFRACTION' 
_refine.pdbx_TLS_residual_ADP_flag               'LIKELY RESIDUAL' 
_refine.pdbx_diffrn_id                           1 
_refine.pdbx_overall_phase_error                 ? 
_refine.pdbx_overall_SU_R_free_Cruickshank_DPI   ? 
_refine.pdbx_overall_SU_R_Blow_DPI               ? 
_refine.pdbx_overall_SU_R_free_Blow_DPI          ? 
# 
_refine_hist.pdbx_refine_id                   'X-RAY DIFFRACTION' 
_refine_hist.cycle_id                         LAST 
_refine_hist.pdbx_number_atoms_protein        534 
_refine_hist.pdbx_number_atoms_nucleic_acid   0 
_refine_hist.pdbx_number_atoms_ligand         0 
_refine_hist.number_atoms_solvent             51 
_refine_hist.number_atoms_total               585 
_refine_hist.d_res_high                       1.86 
_refine_hist.d_res_low                        34.60 
# 
loop_
_refine_ls_restr.type 
_refine_ls_restr.dev_ideal 
_refine_ls_restr.dev_ideal_target 
_refine_ls_restr.weight 
_refine_ls_restr.number 
_refine_ls_restr.pdbx_refine_id 
_refine_ls_restr.pdbx_restraint_function 
r_bond_refined_d             0.017  0.022  ? 593 'X-RAY DIFFRACTION' ? 
r_bond_other_d               ?      ?      ? ?   'X-RAY DIFFRACTION' ? 
r_angle_refined_deg          1.566  1.979  ? 803 'X-RAY DIFFRACTION' ? 
r_angle_other_deg            ?      ?      ? ?   'X-RAY DIFFRACTION' ? 
r_dihedral_angle_1_deg       5.437  5.000  ? 77  'X-RAY DIFFRACTION' ? 
r_dihedral_angle_2_deg       42.531 25.455 ? 33  'X-RAY DIFFRACTION' ? 
r_dihedral_angle_3_deg       17.731 15.000 ? 119 'X-RAY DIFFRACTION' ? 
r_dihedral_angle_4_deg       11.504 15.000 ? 3   'X-RAY DIFFRACTION' ? 
r_chiral_restr               0.119  0.200  ? 79  'X-RAY DIFFRACTION' ? 
r_gen_planes_refined         0.007  0.020  ? 466 'X-RAY DIFFRACTION' ? 
r_gen_planes_other           ?      ?      ? ?   'X-RAY DIFFRACTION' ? 
r_nbd_refined                0.240  0.200  ? 273 'X-RAY DIFFRACTION' ? 
r_nbd_other                  ?      ?      ? ?   'X-RAY DIFFRACTION' ? 
r_nbtor_refined              0.315  0.200  ? 391 'X-RAY DIFFRACTION' ? 
r_nbtor_other                ?      ?      ? ?   'X-RAY DIFFRACTION' ? 
r_xyhbond_nbd_refined        0.193  0.200  ? 41  'X-RAY DIFFRACTION' ? 
r_xyhbond_nbd_other          ?      ?      ? ?   'X-RAY DIFFRACTION' ? 
r_metal_ion_refined          ?      ?      ? ?   'X-RAY DIFFRACTION' ? 
r_metal_ion_other            ?      ?      ? ?   'X-RAY DIFFRACTION' ? 
r_symmetry_vdw_refined       0.163  0.200  ? 48  'X-RAY DIFFRACTION' ? 
r_symmetry_vdw_other         ?      ?      ? ?   'X-RAY DIFFRACTION' ? 
r_symmetry_hbond_refined     0.169  0.200  ? 8   'X-RAY DIFFRACTION' ? 
r_symmetry_hbond_other       ?      ?      ? ?   'X-RAY DIFFRACTION' ? 
r_symmetry_metal_ion_refined ?      ?      ? ?   'X-RAY DIFFRACTION' ? 
r_symmetry_metal_ion_other   ?      ?      ? ?   'X-RAY DIFFRACTION' ? 
r_mcbond_it                  1.203  1.500  ? 361 'X-RAY DIFFRACTION' ? 
r_mcbond_other               ?      ?      ? ?   'X-RAY DIFFRACTION' ? 
r_mcangle_it                 1.692  2.000  ? 561 'X-RAY DIFFRACTION' ? 
r_scbond_it                  2.616  3.000  ? 268 'X-RAY DIFFRACTION' ? 
r_scangle_it                 3.901  4.500  ? 235 'X-RAY DIFFRACTION' ? 
r_rigid_bond_restr           ?      ?      ? ?   'X-RAY DIFFRACTION' ? 
r_sphericity_free            ?      ?      ? ?   'X-RAY DIFFRACTION' ? 
r_sphericity_bonded          ?      ?      ? ?   'X-RAY DIFFRACTION' ? 
# 
_refine_ls_shell.pdbx_total_number_of_bins_used   20 
_refine_ls_shell.d_res_high                       1.855 
_refine_ls_shell.d_res_low                        1.903 
_refine_ls_shell.number_reflns_R_work             463 
_refine_ls_shell.R_factor_R_work                  0.32 
_refine_ls_shell.percent_reflns_obs               90.74 
_refine_ls_shell.R_factor_R_free                  0.436 
_refine_ls_shell.R_factor_R_free_error            ? 
_refine_ls_shell.percent_reflns_R_free            ? 
_refine_ls_shell.number_reflns_R_free             27 
_refine_ls_shell.number_reflns_all                ? 
_refine_ls_shell.R_factor_all                     ? 
_refine_ls_shell.number_reflns_obs                490 
_refine_ls_shell.redundancy_reflns_obs            ? 
_refine_ls_shell.pdbx_refine_id                   'X-RAY DIFFRACTION' 
# 
_struct.entry_id                  2OCH 
_struct.title                     'J-domain of dnj-12 from Caenorhabditis elegans' 
_struct.pdbx_model_details        ? 
_struct.pdbx_CASP_flag            ? 
_struct.pdbx_model_type_details   ? 
# 
_struct_keywords.entry_id        2OCH 
_struct_keywords.pdbx_keywords   CHAPERONE 
_struct_keywords.text            
;hsp40, J-domain, chaperone, APC90013.2, Structural Genomics, PSI-2, Protein Structure Initiative, Midwest Center for Structural Genomics, MCSG
;
# 
loop_
_struct_asym.id 
_struct_asym.pdbx_blank_PDB_chainid_flag 
_struct_asym.pdbx_modified 
_struct_asym.entity_id 
_struct_asym.details 
A N N 1 ? 
B N N 2 ? 
# 
_struct_biol.id                    1 
_struct_biol.details               
;THIS ENTRY CONTAINS THE CRYSTALLOGRAPHIC ASYMMETRIC UNIT 
WHICH CONSISTS OF 1 CHAIN. THE BIOLOGICAL UNIT OF THE 
PROTEIN IS NOT KNOWN. THIS ENTRY CONTAINS THE N-TERMINAL 
DOMAIN ONLY. C-TERMINAL DOMAIN IS RESPONSIBLE FOR 
DIMERIZATION IN THE FULL LENGTH PROTEIN
;
_struct_biol.pdbx_parent_biol_id   ? 
# 
loop_
_struct_conf.conf_type_id 
_struct_conf.id 
_struct_conf.pdbx_PDB_helix_id 
_struct_conf.beg_label_comp_id 
_struct_conf.beg_label_asym_id 
_struct_conf.beg_label_seq_id 
_struct_conf.pdbx_beg_PDB_ins_code 
_struct_conf.end_label_comp_id 
_struct_conf.end_label_asym_id 
_struct_conf.end_label_seq_id 
_struct_conf.pdbx_end_PDB_ins_code 
_struct_conf.beg_auth_comp_id 
_struct_conf.beg_auth_asym_id 
_struct_conf.beg_auth_seq_id 
_struct_conf.end_auth_comp_id 
_struct_conf.end_auth_asym_id 
_struct_conf.end_auth_seq_id 
_struct_conf.pdbx_PDB_helix_class 
_struct_conf.details 
_struct_conf.pdbx_PDB_helix_length 
HELX_P HELX_P1 1 GLY A 9  ? GLY A 15 ? GLY A 6  GLY A 12 1 ? 7  
HELX_P HELX_P2 2 SER A 21 ? PHE A 36 ? SER A 18 PHE A 33 1 ? 16 
HELX_P HELX_P3 3 GLY A 44 ? SER A 59 ? GLY A 41 SER A 56 1 ? 16 
HELX_P HELX_P4 4 ASP A 60 ? GLY A 70 ? ASP A 57 GLY A 67 1 ? 11 
# 
_struct_conf_type.id          HELX_P 
_struct_conf_type.criteria    ? 
_struct_conf_type.reference   ? 
# 
_atom_sites.entry_id                    2OCH 
_atom_sites.fract_transf_matrix[1][1]   0.00965386 
_atom_sites.fract_transf_matrix[1][2]   -0.02217428 
_atom_sites.fract_transf_matrix[1][3]   -0.01095719 
_atom_sites.fract_transf_matrix[2][1]   0.00224470 
_atom_sites.fract_transf_matrix[2][2]   0.00927796 
_atom_sites.fract_transf_matrix[2][3]   -0.01679827 
_atom_sites.fract_transf_matrix[3][1]   0.01077252 
_atom_sites.fract_transf_matrix[3][2]   0.00312560 
_atom_sites.fract_transf_matrix[3][3]   0.00316582 
_atom_sites.fract_transf_vector[1]      0.078994 
_atom_sites.fract_transf_vector[2]      -0.021658 
_atom_sites.fract_transf_vector[3]      0.416427 
# 
loop_
_atom_type.symbol 
C 
N 
O 
S 
# 
loop_
_atom_site.group_PDB 
_atom_site.id 
_atom_site.type_symbol 
_atom_site.label_atom_id 
_atom_site.label_alt_id 
_atom_site.label_comp_id 
_atom_site.label_asym_id 
_atom_site.label_entity_id 
_atom_site.label_seq_id 
_atom_site.pdbx_PDB_ins_code 
_atom_site.Cartn_x 
_atom_site.Cartn_y 
_atom_site.Cartn_z 
_atom_site.occupancy 
_atom_site.B_iso_or_equiv 
_atom_site.pdbx_formal_charge 
_atom_site.auth_seq_id 
_atom_site.auth_comp_id 
_atom_site.auth_asym_id 
_atom_site.auth_atom_id 
_atom_site.pdbx_PDB_model_num 
ATOM   1   N N   . LYS A 1 6  ? -10.561 -2.947  9.808   1.00 33.81 ? 3   LYS A N   1 
ATOM   2   C CA  . LYS A 1 6  ? -9.474  -1.930  9.707   1.00 33.51 ? 3   LYS A CA  1 
ATOM   3   C C   . LYS A 1 6  ? -9.794  -0.832  8.665   1.00 33.33 ? 3   LYS A C   1 
ATOM   4   O O   . LYS A 1 6  ? -9.415  -0.929  7.490   1.00 33.41 ? 3   LYS A O   1 
ATOM   5   C CB  . LYS A 1 6  ? -8.092  -2.605  9.473   1.00 33.75 ? 3   LYS A CB  1 
ATOM   6   C CG  . LYS A 1 6  ? -7.765  -3.105  8.043   1.00 33.86 ? 3   LYS A CG  1 
ATOM   7   C CD  . LYS A 1 6  ? -8.365  -4.478  7.718   1.00 33.63 ? 3   LYS A CD  1 
ATOM   8   C CE  . LYS A 1 6  ? -9.710  -4.365  6.960   1.00 32.84 ? 3   LYS A CE  1 
ATOM   9   N NZ  . LYS A 1 6  ? -10.440 -5.792  6.992   1.00 33.62 ? 3   LYS A NZ  1 
ATOM   10  N N   . GLU A 1 7  ? -10.471 0.224   9.128   1.00 32.32 ? 4   GLU A N   1 
ATOM   11  C CA  . GLU A 1 7  ? -10.944 1.314   8.264   1.00 31.06 ? 4   GLU A CA  1 
ATOM   12  C C   . GLU A 1 7  ? -9.923  2.381   7.819   1.00 29.45 ? 4   GLU A C   1 
ATOM   13  O O   . GLU A 1 7  ? -10.308 3.542   7.599   1.00 30.00 ? 4   GLU A O   1 
ATOM   14  C CB  . GLU A 1 7  ? -12.120 2.017   8.928   1.00 31.20 ? 4   GLU A CB  1 
ATOM   15  C CG  . GLU A 1 7  ? -11.720 2.869   10.128  1.00 32.30 ? 4   GLU A CG  1 
ATOM   16  C CD  . GLU A 1 7  ? -12.879 3.654   10.726  1.00 32.49 ? 4   GLU A CD  1 
ATOM   17  O OE1 . GLU A 1 7  ? -12.620 4.443   11.663  1.00 33.69 ? 4   GLU A OE1 1 
ATOM   18  O OE2 . GLU A 1 7  ? -14.041 3.485   10.277  1.00 34.52 ? 4   GLU A OE2 1 
ATOM   19  N N   . THR A 1 8  ? -8.643  2.034   7.691   1.00 26.86 ? 5   THR A N   1 
ATOM   20  C CA  . THR A 1 8  ? -7.740  2.934   6.972   1.00 24.01 ? 5   THR A CA  1 
ATOM   21  C C   . THR A 1 8  ? -7.821  2.546   5.501   1.00 21.62 ? 5   THR A C   1 
ATOM   22  O O   . THR A 1 8  ? -7.634  1.376   5.156   1.00 21.39 ? 5   THR A O   1 
ATOM   23  C CB  . THR A 1 8  ? -6.241  2.902   7.453   1.00 24.11 ? 5   THR A CB  1 
ATOM   24  O OG1 . THR A 1 8  ? -6.168  3.279   8.832   1.00 26.02 ? 5   THR A OG1 1 
ATOM   25  C CG2 . THR A 1 8  ? -5.412  3.902   6.672   1.00 22.07 ? 5   THR A CG2 1 
ATOM   26  N N   . GLY A 1 9  ? -8.102  3.525   4.651   1.00 19.48 ? 6   GLY A N   1 
ATOM   27  C CA  . GLY A 1 9  ? -8.123  3.313   3.194   1.00 16.51 ? 6   GLY A CA  1 
ATOM   28  C C   . GLY A 1 9  ? -6.781  2.913   2.610   1.00 16.08 ? 6   GLY A C   1 
ATOM   29  O O   . GLY A 1 9  ? -5.725  3.262   3.144   1.00 13.98 ? 6   GLY A O   1 
ATOM   30  N N   . TYR A 1 10 ? -6.805  2.167   1.513   1.00 14.44 ? 7   TYR A N   1 
ATOM   31  C CA  . TYR A 1 10 ? -5.543  1.644   0.955   1.00 15.57 ? 7   TYR A CA  1 
ATOM   32  C C   . TYR A 1 10 ? -4.584  2.696   0.436   1.00 15.68 ? 7   TYR A C   1 
ATOM   33  O O   . TYR A 1 10 ? -3.328  2.545   0.526   1.00 16.56 ? 7   TYR A O   1 
ATOM   34  C CB  . TYR A 1 10 ? -5.831  0.684   -0.183  1.00 15.61 ? 7   TYR A CB  1 
ATOM   35  C CG  . TYR A 1 10 ? -6.439  -0.606  0.218   1.00 14.86 ? 7   TYR A CG  1 
ATOM   36  C CD1 . TYR A 1 10 ? -6.213  -1.168  1.474   1.00 16.47 ? 7   TYR A CD1 1 
ATOM   37  C CD2 . TYR A 1 10 ? -7.238  -1.294  -0.672  1.00 17.60 ? 7   TYR A CD2 1 
ATOM   38  C CE1 . TYR A 1 10 ? -6.780  -2.378  1.812   1.00 18.14 ? 7   TYR A CE1 1 
ATOM   39  C CE2 . TYR A 1 10 ? -7.793  -2.493  -0.345  1.00 20.10 ? 7   TYR A CE2 1 
ATOM   40  C CZ  . TYR A 1 10 ? -7.580  -3.031  0.900   1.00 17.85 ? 7   TYR A CZ  1 
ATOM   41  O OH  . TYR A 1 10 ? -8.145  -4.231  1.193   1.00 18.55 ? 7   TYR A OH  1 
ATOM   42  N N   . TYR A 1 11 ? -5.138  3.765   -0.145  1.00 15.42 ? 8   TYR A N   1 
ATOM   43  C CA  . TYR A 1 11 ? -4.282  4.849   -0.587  1.00 15.48 ? 8   TYR A CA  1 
ATOM   44  C C   . TYR A 1 11 ? -3.566  5.459   0.622   1.00 15.21 ? 8   TYR A C   1 
ATOM   45  O O   . TYR A 1 11 ? -2.340  5.632   0.612   1.00 15.54 ? 8   TYR A O   1 
ATOM   46  C CB  . TYR A 1 11 ? -5.094  5.937   -1.294  1.00 14.78 ? 8   TYR A CB  1 
ATOM   47  C CG  . TYR A 1 11 ? -5.681  5.489   -2.601  1.00 16.04 ? 8   TYR A CG  1 
ATOM   48  C CD1 . TYR A 1 11 ? -4.858  5.101   -3.641  1.00 15.14 ? 8   TYR A CD1 1 
ATOM   49  C CD2 . TYR A 1 11 ? -7.069  5.434   -2.772  1.00 16.09 ? 8   TYR A CD2 1 
ATOM   50  C CE1 . TYR A 1 11 ? -5.374  4.673   -4.861  1.00 15.95 ? 8   TYR A CE1 1 
ATOM   51  C CE2 . TYR A 1 11 ? -7.614  5.017   -4.002  1.00 15.67 ? 8   TYR A CE2 1 
ATOM   52  C CZ  . TYR A 1 11 ? -6.737  4.652   -5.038  1.00 12.16 ? 8   TYR A CZ  1 
ATOM   53  O OH  . TYR A 1 11 ? -7.275  4.225   -6.227  1.00 15.42 ? 8   TYR A OH  1 
ATOM   54  N N   . ASP A 1 12 ? -4.341  5.771   1.643   1.00 15.58 ? 9   ASP A N   1 
ATOM   55  C CA  . ASP A 1 12 ? -3.792  6.310   2.898   1.00 16.89 ? 9   ASP A CA  1 
ATOM   56  C C   . ASP A 1 12 ? -2.723  5.420   3.510   1.00 16.65 ? 9   ASP A C   1 
ATOM   57  O O   . ASP A 1 12 ? -1.709  5.917   4.007   1.00 15.45 ? 9   ASP A O   1 
ATOM   58  C CB  . ASP A 1 12 ? -4.918  6.492   3.940   1.00 18.42 ? 9   ASP A CB  1 
ATOM   59  C CG  . ASP A 1 12 ? -5.584  7.859   3.849   1.00 22.61 ? 9   ASP A CG  1 
ATOM   60  O OD1 . ASP A 1 12 ? -5.025  8.789   3.201   1.00 28.68 ? 9   ASP A OD1 1 
ATOM   61  O OD2 . ASP A 1 12 ? -6.676  8.009   4.430   1.00 27.44 ? 9   ASP A OD2 1 
ATOM   62  N N   . VAL A 1 13 ? -2.990  4.106   3.529   1.00 15.13 ? 10  VAL A N   1 
ATOM   63  C CA  . VAL A 1 13 ? -2.049  3.146   4.083   1.00 16.80 ? 10  VAL A CA  1 
ATOM   64  C C   . VAL A 1 13 ? -0.680  3.285   3.418   1.00 17.29 ? 10  VAL A C   1 
ATOM   65  O O   . VAL A 1 13 ? 0.357   3.205   4.082   1.00 15.83 ? 10  VAL A O   1 
ATOM   66  C CB  . VAL A 1 13 ? -2.596  1.689   3.920   1.00 16.39 ? 10  VAL A CB  1 
ATOM   67  C CG1 . VAL A 1 13 ? -1.450  0.651   4.042   1.00 19.24 ? 10  VAL A CG1 1 
ATOM   68  C CG2 . VAL A 1 13 ? -3.698  1.430   4.898   1.00 17.40 ? 10  VAL A CG2 1 
ATOM   69  N N   . LEU A 1 14 ? -0.673  3.502   2.100   1.00 17.58 ? 11  LEU A N   1 
ATOM   70  C CA  . LEU A 1 14 ? 0.561   3.705   1.332   1.00 18.65 ? 11  LEU A CA  1 
ATOM   71  C C   . LEU A 1 14 ? 1.044   5.142   1.288   1.00 20.28 ? 11  LEU A C   1 
ATOM   72  O O   . LEU A 1 14 ? 2.135   5.416   0.742   1.00 21.27 ? 11  LEU A O   1 
ATOM   73  C CB  . LEU A 1 14 ? 0.360   3.222   -0.121  1.00 19.18 ? 11  LEU A CB  1 
ATOM   74  C CG  . LEU A 1 14 ? 0.154   1.747   -0.341  1.00 22.28 ? 11  LEU A CG  1 
ATOM   75  C CD1 . LEU A 1 14 ? -0.035  1.425   -1.861  1.00 22.69 ? 11  LEU A CD1 1 
ATOM   76  C CD2 . LEU A 1 14 ? 1.348   0.931   0.295   1.00 21.82 ? 11  LEU A CD2 1 
ATOM   77  N N   . GLY A 1 15 ? 0.256   6.059   1.836   1.00 19.16 ? 12  GLY A N   1 
ATOM   78  C CA  . GLY A 1 15 ? 0.610   7.482   1.886   1.00 19.24 ? 12  GLY A CA  1 
ATOM   79  C C   . GLY A 1 15 ? 0.579   8.151   0.514   1.00 20.80 ? 12  GLY A C   1 
ATOM   80  O O   . GLY A 1 15 ? 1.395   9.072   0.254   1.00 22.02 ? 12  GLY A O   1 
ATOM   81  N N   . VAL A 1 16 ? -0.336  7.699   -0.355  1.00 18.94 ? 13  VAL A N   1 
ATOM   82  C CA  . VAL A 1 16 ? -0.513  8.258   -1.736  1.00 19.05 ? 13  VAL A CA  1 
ATOM   83  C C   . VAL A 1 16 ? -1.902  8.832   -1.911  1.00 18.53 ? 13  VAL A C   1 
ATOM   84  O O   . VAL A 1 16 ? -2.822  8.542   -1.131  1.00 16.62 ? 13  VAL A O   1 
ATOM   85  C CB  . VAL A 1 16 ? -0.217  7.219   -2.838  1.00 19.11 ? 13  VAL A CB  1 
ATOM   86  C CG1 . VAL A 1 16 ? 1.264   6.683   -2.737  1.00 19.46 ? 13  VAL A CG1 1 
ATOM   87  C CG2 . VAL A 1 16 ? -1.234  6.037   -2.829  1.00 18.00 ? 13  VAL A CG2 1 
ATOM   88  N N   . LYS A 1 17 ? -2.034  9.711   -2.900  1.00 17.41 ? 14  LYS A N   1 
ATOM   89  C CA  . LYS A 1 17 ? -3.332  10.260  -3.336  1.00 16.87 ? 14  LYS A CA  1 
ATOM   90  C C   . LYS A 1 17 ? -4.098  9.241   -4.176  1.00 15.83 ? 14  LYS A C   1 
ATOM   91  O O   . LYS A 1 17 ? -3.466  8.382   -4.806  1.00 17.60 ? 14  LYS A O   1 
ATOM   92  C CB  . LYS A 1 17 ? -3.079  11.529  -4.154  1.00 16.91 ? 14  LYS A CB  1 
ATOM   93  C CG  . LYS A 1 17 ? -2.557  12.711  -3.310  1.00 17.96 ? 14  LYS A CG  1 
ATOM   94  C CD  . LYS A 1 17 ? -2.041  13.881  -4.188  1.00 19.70 ? 14  LYS A CD  1 
ATOM   95  C CE  . LYS A 1 17 ? -2.993  14.293  -5.313  1.00 25.59 ? 14  LYS A CE  1 
ATOM   96  N NZ  . LYS A 1 17 ? -2.372  15.525  -6.009  1.00 24.21 ? 14  LYS A NZ  1 
ATOM   97  N N   . PRO A 1 18 ? -5.455  9.273   -4.166  1.00 15.72 ? 15  PRO A N   1 
ATOM   98  C CA  . PRO A 1 18 ? -6.225  8.340   -4.987  1.00 15.53 ? 15  PRO A CA  1 
ATOM   99  C C   . PRO A 1 18 ? -5.927  8.330   -6.499  1.00 16.16 ? 15  PRO A C   1 
ATOM   100 O O   . PRO A 1 18 ? -6.261  7.340   -7.172  1.00 16.87 ? 15  PRO A O   1 
ATOM   101 C CB  . PRO A 1 18 ? -7.683  8.759   -4.749  1.00 16.03 ? 15  PRO A CB  1 
ATOM   102 C CG  . PRO A 1 18 ? -7.669  9.415   -3.429  1.00 14.40 ? 15  PRO A CG  1 
ATOM   103 C CD  . PRO A 1 18 ? -6.351  10.119  -3.341  1.00 15.99 ? 15  PRO A CD  1 
ATOM   104 N N   . ASP A 1 19 ? -5.307  9.400   -7.013  1.00 16.07 ? 16  ASP A N   1 
ATOM   105 C CA  . ASP A 1 19 ? -4.937  9.437   -8.438  1.00 15.31 ? 16  ASP A CA  1 
ATOM   106 C C   . ASP A 1 19 ? -3.532  8.835   -8.704  1.00 17.03 ? 16  ASP A C   1 
ATOM   107 O O   . ASP A 1 19 ? -2.973  9.046   -9.805  1.00 15.92 ? 16  ASP A O   1 
ATOM   108 C CB  . ASP A 1 19 ? -4.963  10.867  -8.953  1.00 14.52 ? 16  ASP A CB  1 
ATOM   109 C CG  . ASP A 1 19 ? -3.821  11.720  -8.408  1.00 14.79 ? 16  ASP A CG  1 
ATOM   110 O OD1 . ASP A 1 19 ? -3.134  11.318  -7.448  1.00 18.47 ? 16  ASP A OD1 1 
ATOM   111 O OD2 . ASP A 1 19 ? -3.637  12.821  -8.956  1.00 16.01 ? 16  ASP A OD2 1 
ATOM   112 N N   . ALA A 1 20 ? -2.973  8.101   -7.733  1.00 16.34 ? 17  ALA A N   1 
ATOM   113 C CA  . ALA A 1 20 ? -1.546  7.641   -7.823  1.00 17.47 ? 17  ALA A CA  1 
ATOM   114 C C   . ALA A 1 20 ? -1.341  6.845   -9.092  1.00 15.56 ? 17  ALA A C   1 
ATOM   115 O O   . ALA A 1 20 ? -2.217  6.052   -9.471  1.00 15.95 ? 17  ALA A O   1 
ATOM   116 C CB  . ALA A 1 20 ? -1.152  6.805   -6.611  1.00 17.14 ? 17  ALA A CB  1 
ATOM   117 N N   . SER A 1 21 ? -0.227  7.104   -9.810  1.00 15.12 ? 18  SER A N   1 
ATOM   118 C CA  . SER A 1 21 ? 0.094   6.307   -10.978 1.00 14.77 ? 18  SER A CA  1 
ATOM   119 C C   . SER A 1 21 ? 0.719   4.996   -10.503 1.00 15.02 ? 18  SER A C   1 
ATOM   120 O O   . SER A 1 21 ? 1.032   4.877   -9.304  1.00 15.42 ? 18  SER A O   1 
ATOM   121 C CB  . SER A 1 21 ? 1.142   7.078   -11.822 1.00 14.72 ? 18  SER A CB  1 
ATOM   122 O OG  . SER A 1 21 ? 2.341   7.226   -11.035 1.00 14.19 ? 18  SER A OG  1 
ATOM   123 N N   . ASP A 1 22 ? 0.928   4.051   -11.419 1.00 15.61 ? 19  ASP A N   1 
ATOM   124 C CA  . ASP A 1 22 ? 1.668   2.814   -11.109 1.00 16.90 ? 19  ASP A CA  1 
ATOM   125 C C   . ASP A 1 22 ? 3.081   3.114   -10.526 1.00 16.46 ? 19  ASP A C   1 
ATOM   126 O O   . ASP A 1 22 ? 3.518   2.497   -9.562  1.00 14.51 ? 19  ASP A O   1 
ATOM   127 C CB  . ASP A 1 22 ? 1.829   1.990   -12.399 1.00 17.12 ? 19  ASP A CB  1 
ATOM   128 C CG  . ASP A 1 22 ? 2.400   0.592   -12.116 1.00 23.14 ? 19  ASP A CG  1 
ATOM   129 O OD1 . ASP A 1 22 ? 1.802   -0.119  -11.302 1.00 24.45 ? 19  ASP A OD1 1 
ATOM   130 O OD2 . ASP A 1 22 ? 3.438   0.224   -12.691 1.00 25.93 ? 19  ASP A OD2 1 
ATOM   131 N N   . ASN A 1 23 ? 3.797   4.043   -11.158 1.00 16.85 ? 20  ASN A N   1 
ATOM   132 C CA  . ASN A 1 23 ? 5.116   4.472   -10.638 1.00 16.86 ? 20  ASN A CA  1 
ATOM   133 C C   . ASN A 1 23 ? 5.015   4.982   -9.176  1.00 16.00 ? 20  ASN A C   1 
ATOM   134 O O   . ASN A 1 23 ? 5.851   4.664   -8.315  1.00 14.24 ? 20  ASN A O   1 
ATOM   135 C CB  . ASN A 1 23 ? 5.746   5.563   -11.526 1.00 16.73 ? 20  ASN A CB  1 
ATOM   136 C CG  . ASN A 1 23 ? 6.248   5.005   -12.886 1.00 18.86 ? 20  ASN A CG  1 
ATOM   137 O OD1 . ASN A 1 23 ? 6.432   3.803   -13.044 1.00 23.60 ? 20  ASN A OD1 1 
ATOM   138 N ND2 . ASN A 1 23 ? 6.428   5.886   -13.869 1.00 21.34 ? 20  ASN A ND2 1 
ATOM   139 N N   . GLU A 1 24 ? 4.034   5.834   -8.923  1.00 14.98 ? 21  GLU A N   1 
ATOM   140 C CA  . GLU A 1 24 ? 3.874   6.359   -7.570  1.00 15.92 ? 21  GLU A CA  1 
ATOM   141 C C   . GLU A 1 24 ? 3.490   5.266   -6.536  1.00 15.97 ? 21  GLU A C   1 
ATOM   142 O O   . GLU A 1 24 ? 4.012   5.293   -5.404  1.00 16.00 ? 21  GLU A O   1 
ATOM   143 C CB  . GLU A 1 24 ? 2.855   7.485   -7.549  1.00 16.15 ? 21  GLU A CB  1 
ATOM   144 C CG  . GLU A 1 24 ? 3.390   8.761   -8.117  1.00 16.29 ? 21  GLU A CG  1 
ATOM   145 C CD  . GLU A 1 24 ? 2.279   9.762   -8.429  1.00 16.43 ? 21  GLU A CD  1 
ATOM   146 O OE1 . GLU A 1 24 ? 1.096   9.386   -8.434  1.00 17.41 ? 21  GLU A OE1 1 
ATOM   147 O OE2 . GLU A 1 24 ? 2.565   10.948  -8.594  1.00 15.73 ? 21  GLU A OE2 1 
ATOM   148 N N   . LEU A 1 25 ? 2.664   4.303   -6.927  1.00 15.36 ? 22  LEU A N   1 
ATOM   149 C CA  . LEU A 1 25 ? 2.368   3.144   -6.036  1.00 14.77 ? 22  LEU A CA  1 
ATOM   150 C C   . LEU A 1 25 ? 3.638   2.359   -5.754  1.00 14.60 ? 22  LEU A C   1 
ATOM   151 O O   . LEU A 1 25 ? 3.844   1.904   -4.614  1.00 14.88 ? 22  LEU A O   1 
ATOM   152 C CB  . LEU A 1 25 ? 1.368   2.207   -6.695  1.00 14.75 ? 22  LEU A CB  1 
ATOM   153 C CG  . LEU A 1 25 ? -0.079  2.781   -6.807  1.00 18.08 ? 22  LEU A CG  1 
ATOM   154 C CD1 . LEU A 1 25 ? -0.953  1.817   -7.620  1.00 17.25 ? 22  LEU A CD1 1 
ATOM   155 C CD2 . LEU A 1 25 ? -0.693  3.127   -5.393  1.00 16.31 ? 22  LEU A CD2 1 
ATOM   156 N N   . LYS A 1 26 ? 4.449   2.127   -6.793  1.00 13.66 ? 23  LYS A N   1 
ATOM   157 C CA  . LYS A 1 26 ? 5.645   1.307   -6.651  1.00 15.13 ? 23  LYS A CA  1 
ATOM   158 C C   . LYS A 1 26 ? 6.599   1.986   -5.651  1.00 15.10 ? 23  LYS A C   1 
ATOM   159 O O   . LYS A 1 26 ? 7.158   1.325   -4.764  1.00 13.94 ? 23  LYS A O   1 
ATOM   160 C CB  . LYS A 1 26 ? 6.337   1.061   -8.022  1.00 14.45 ? 23  LYS A CB  1 
ATOM   161 C CG  . LYS A 1 26 ? 5.590   0.020   -8.913  1.00 14.68 ? 23  LYS A CG  1 
ATOM   162 C CD  . LYS A 1 26 ? 6.244   -0.111  -10.281 1.00 15.45 ? 23  LYS A CD  1 
ATOM   163 C CE  . LYS A 1 26 ? 5.630   -1.282  -11.082 1.00 18.14 ? 23  LYS A CE  1 
ATOM   164 N NZ  . LYS A 1 26 ? 6.198   -1.315  -12.475 1.00 24.58 ? 23  LYS A NZ  1 
ATOM   165 N N   . LYS A 1 27 ? 6.794   3.289   -5.812  1.00 16.80 ? 24  LYS A N   1 
ATOM   166 C CA  . LYS A 1 27 ? 7.715   4.066   -4.975  1.00 18.15 ? 24  LYS A CA  1 
ATOM   167 C C   . LYS A 1 27 ? 7.213   4.032   -3.522  1.00 17.00 ? 24  LYS A C   1 
ATOM   168 O O   . LYS A 1 27 ? 7.989   3.841   -2.618  1.00 15.76 ? 24  LYS A O   1 
ATOM   169 C CB  . LYS A 1 27 ? 7.775   5.521   -5.442  1.00 18.00 ? 24  LYS A CB  1 
ATOM   170 C CG  . LYS A 1 27 ? 8.783   6.344   -4.664  1.00 21.85 ? 24  LYS A CG  1 
ATOM   171 C CD  . LYS A 1 27 ? 8.817   7.810   -5.098  1.00 23.86 ? 24  LYS A CD  1 
ATOM   172 C CE  . LYS A 1 27 ? 9.710   8.621   -4.151  1.00 28.08 ? 24  LYS A CE  1 
ATOM   173 N NZ  . LYS A 1 27 ? 11.032  9.025   -4.721  1.00 33.86 ? 24  LYS A NZ  1 
ATOM   174 N N   . ALA A 1 28 ? 5.900   4.236   -3.353  1.00 15.94 ? 25  ALA A N   1 
ATOM   175 C CA  . ALA A 1 28 ? 5.281   4.315   -2.027  1.00 16.51 ? 25  ALA A CA  1 
ATOM   176 C C   . ALA A 1 28 ? 5.441   2.984   -1.319  1.00 15.88 ? 25  ALA A C   1 
ATOM   177 O O   . ALA A 1 28 ? 5.775   2.935   -0.115  1.00 16.45 ? 25  ALA A O   1 
ATOM   178 C CB  . ALA A 1 28 ? 3.765   4.688   -2.158  1.00 15.47 ? 25  ALA A CB  1 
ATOM   179 N N   . TYR A 1 29 ? 5.234   1.908   -2.072  1.00 14.98 ? 26  TYR A N   1 
ATOM   180 C CA  . TYR A 1 29 ? 5.332   0.567   -1.494  1.00 16.19 ? 26  TYR A CA  1 
ATOM   181 C C   . TYR A 1 29 ? 6.789   0.321   -1.030  1.00 16.48 ? 26  TYR A C   1 
ATOM   182 O O   . TYR A 1 29 ? 7.030   -0.168  0.086   1.00 14.85 ? 26  TYR A O   1 
ATOM   183 C CB  . TYR A 1 29 ? 4.860   -0.508  -2.489  1.00 15.54 ? 26  TYR A CB  1 
ATOM   184 C CG  . TYR A 1 29 ? 5.024   -1.881  -1.909  1.00 18.57 ? 26  TYR A CG  1 
ATOM   185 C CD1 . TYR A 1 29 ? 4.351   -2.223  -0.727  1.00 16.59 ? 26  TYR A CD1 1 
ATOM   186 C CD2 . TYR A 1 29 ? 5.925   -2.797  -2.451  1.00 21.55 ? 26  TYR A CD2 1 
ATOM   187 C CE1 . TYR A 1 29 ? 4.514   -3.432  -0.127  1.00 19.75 ? 26  TYR A CE1 1 
ATOM   188 C CE2 . TYR A 1 29 ? 6.113   -4.078  -1.815  1.00 23.26 ? 26  TYR A CE2 1 
ATOM   189 C CZ  . TYR A 1 29 ? 5.390   -4.355  -0.647  1.00 20.32 ? 26  TYR A CZ  1 
ATOM   190 O OH  . TYR A 1 29 ? 5.517   -5.546  0.033   1.00 20.05 ? 26  TYR A OH  1 
ATOM   191 N N   . ARG A 1 30 ? 7.755   0.614   -1.906  1.00 15.79 ? 27  ARG A N   1 
ATOM   192 C CA  A ARG A 1 30 ? 9.146   0.445   -1.522  0.50 15.88 ? 27  ARG A CA  1 
ATOM   193 C CA  B ARG A 1 30 ? 9.175   0.506   -1.571  0.50 16.05 ? 27  ARG A CA  1 
ATOM   194 C C   . ARG A 1 30 ? 9.484   1.296   -0.293  1.00 15.73 ? 27  ARG A C   1 
ATOM   195 O O   . ARG A 1 30 ? 10.136  0.798   0.636   1.00 15.89 ? 27  ARG A O   1 
ATOM   196 C CB  A ARG A 1 30 ? 10.076  0.774   -2.685  0.50 15.37 ? 27  ARG A CB  1 
ATOM   197 C CB  B ARG A 1 30 ? 9.988   1.033   -2.761  0.50 15.55 ? 27  ARG A CB  1 
ATOM   198 C CG  A ARG A 1 30 ? 10.059  -0.226  -3.838  0.50 15.22 ? 27  ARG A CG  1 
ATOM   199 C CG  B ARG A 1 30 ? 11.514  0.984   -2.683  0.50 16.13 ? 27  ARG A CG  1 
ATOM   200 C CD  A ARG A 1 30 ? 11.273  0.015   -4.803  0.50 15.93 ? 27  ARG A CD  1 
ATOM   201 C CD  B ARG A 1 30 ? 12.085  1.038   -4.136  0.50 16.12 ? 27  ARG A CD  1 
ATOM   202 N NE  A ARG A 1 30 ? 11.241  1.395   -5.328  0.50 18.62 ? 27  ARG A NE  1 
ATOM   203 N NE  B ARG A 1 30 ? 11.818  2.316   -4.833  0.50 17.74 ? 27  ARG A NE  1 
ATOM   204 C CZ  A ARG A 1 30 ? 11.875  2.460   -4.815  0.50 19.31 ? 27  ARG A CZ  1 
ATOM   205 C CZ  B ARG A 1 30 ? 10.972  2.546   -5.863  0.50 18.37 ? 27  ARG A CZ  1 
ATOM   206 N NH1 A ARG A 1 30 ? 12.673  2.360   -3.746  0.50 15.91 ? 27  ARG A NH1 1 
ATOM   207 N NH1 B ARG A 1 30 ? 10.221  1.588   -6.434  0.50 14.07 ? 27  ARG A NH1 1 
ATOM   208 N NH2 A ARG A 1 30 ? 11.712  3.655   -5.404  0.50 21.09 ? 27  ARG A NH2 1 
ATOM   209 N NH2 B ARG A 1 30 ? 10.904  3.787   -6.356  0.50 15.18 ? 27  ARG A NH2 1 
ATOM   210 N N   . LYS A 1 31 ? 9.029   2.547   -0.257  1.00 15.54 ? 28  LYS A N   1 
ATOM   211 C CA  . LYS A 1 31 ? 9.295   3.393   0.908   1.00 17.99 ? 28  LYS A CA  1 
ATOM   212 C C   . LYS A 1 31 ? 8.718   2.843   2.228   1.00 15.45 ? 28  LYS A C   1 
ATOM   213 O O   . LYS A 1 31 ? 9.356   2.910   3.267   1.00 14.69 ? 28  LYS A O   1 
ATOM   214 C CB  . LYS A 1 31 ? 8.804   4.797   0.672   1.00 16.70 ? 28  LYS A CB  1 
ATOM   215 C CG  . LYS A 1 31 ? 9.780   5.605   -0.247  1.00 21.87 ? 28  LYS A CG  1 
ATOM   216 C CD  . LYS A 1 31 ? 9.241   7.027   -0.521  1.00 24.34 ? 28  LYS A CD  1 
ATOM   217 C CE  . LYS A 1 31 ? 10.408  8.049   -0.411  1.00 30.91 ? 28  LYS A CE  1 
ATOM   218 N NZ  . LYS A 1 31 ? 9.957   9.421   0.035   1.00 36.15 ? 28  LYS A NZ  1 
ATOM   219 N N   . MET A 1 32 ? 7.481   2.387   2.181   1.00 15.48 ? 29  MET A N   1 
ATOM   220 C CA  . MET A 1 32 ? 6.848   1.743   3.355   1.00 16.92 ? 29  MET A CA  1 
ATOM   221 C C   . MET A 1 32 ? 7.577   0.447   3.729   1.00 18.33 ? 29  MET A C   1 
ATOM   222 O O   . MET A 1 32 ? 7.978   0.263   4.894   1.00 16.75 ? 29  MET A O   1 
ATOM   223 C CB  . MET A 1 32 ? 5.344   1.486   3.092   1.00 15.49 ? 29  MET A CB  1 
ATOM   224 C CG  . MET A 1 32 ? 4.543   2.744   2.854   1.00 17.04 ? 29  MET A CG  1 
ATOM   225 S SD  . MET A 1 32 ? 4.660   3.837   4.296   1.00 20.59 ? 29  MET A SD  1 
ATOM   226 C CE  . MET A 1 32 ? 3.365   5.015   4.033   1.00 22.90 ? 29  MET A CE  1 
ATOM   227 N N   . ALA A 1 33 ? 7.808   -0.439  2.749   1.00 19.73 ? 30  ALA A N   1 
ATOM   228 C CA  A ALA A 1 33 ? 8.453   -1.724  3.022   0.50 20.25 ? 30  ALA A CA  1 
ATOM   229 C CA  B ALA A 1 33 ? 8.442   -1.724  3.035   0.50 20.23 ? 30  ALA A CA  1 
ATOM   230 C C   . ALA A 1 33 ? 9.754   -1.514  3.780   1.00 20.32 ? 30  ALA A C   1 
ATOM   231 O O   . ALA A 1 33 ? 10.092  -2.280  4.706   1.00 20.76 ? 30  ALA A O   1 
ATOM   232 C CB  A ALA A 1 33 ? 8.715   -2.493  1.716   0.50 20.68 ? 30  ALA A CB  1 
ATOM   233 C CB  B ALA A 1 33 ? 8.673   -2.530  1.746   0.50 20.71 ? 30  ALA A CB  1 
ATOM   234 N N   . LEU A 1 34 ? 10.468  -0.456  3.390   1.00 20.67 ? 31  LEU A N   1 
ATOM   235 C CA  A LEU A 1 34 ? 11.743  -0.134  4.008   0.60 20.42 ? 31  LEU A CA  1 
ATOM   236 C CA  B LEU A 1 34 ? 11.744  -0.064  3.984   0.40 20.05 ? 31  LEU A CA  1 
ATOM   237 C C   . LEU A 1 34 ? 11.652  0.578   5.370   1.00 20.64 ? 31  LEU A C   1 
ATOM   238 O O   . LEU A 1 34 ? 12.519  0.350   6.220   1.00 19.12 ? 31  LEU A O   1 
ATOM   239 C CB  A LEU A 1 34 ? 12.668  0.622   3.029   0.60 20.95 ? 31  LEU A CB  1 
ATOM   240 C CB  B LEU A 1 34 ? 12.460  0.932   3.073   0.40 19.82 ? 31  LEU A CB  1 
ATOM   241 C CG  A LEU A 1 34 ? 12.723  2.127   2.737   0.60 21.35 ? 31  LEU A CG  1 
ATOM   242 C CG  B LEU A 1 34 ? 13.345  0.488   1.906   0.40 18.62 ? 31  LEU A CG  1 
ATOM   243 C CD1 A LEU A 1 34 ? 13.537  2.814   3.787   0.60 25.08 ? 31  LEU A CD1 1 
ATOM   244 C CD1 B LEU A 1 34 ? 14.355  1.596   1.685   0.40 18.66 ? 31  LEU A CD1 1 
ATOM   245 C CD2 A LEU A 1 34 ? 13.359  2.383   1.376   0.60 19.84 ? 31  LEU A CD2 1 
ATOM   246 C CD2 B LEU A 1 34 ? 14.066  -0.840  2.206   0.40 16.87 ? 31  LEU A CD2 1 
ATOM   247 N N   . LYS A 1 35 ? 10.634  1.427   5.569   1.00 20.29 ? 32  LYS A N   1 
ATOM   248 C CA  . LYS A 1 35 ? 10.391  2.072   6.872   1.00 20.58 ? 32  LYS A CA  1 
ATOM   249 C C   . LYS A 1 35 ? 10.178  0.973   7.859   1.00 21.06 ? 32  LYS A C   1 
ATOM   250 O O   . LYS A 1 35 ? 10.579  1.061   9.047   1.00 20.75 ? 32  LYS A O   1 
ATOM   251 C CB  . LYS A 1 35 ? 9.127   2.907   6.883   1.00 20.65 ? 32  LYS A CB  1 
ATOM   252 C CG  . LYS A 1 35 ? 9.283   4.325   6.422   1.00 23.29 ? 32  LYS A CG  1 
ATOM   253 C CD  . LYS A 1 35 ? 7.934   4.867   6.024   1.00 26.33 ? 32  LYS A CD  1 
ATOM   254 C CE  . LYS A 1 35 ? 7.028   5.022   7.221   1.00 27.01 ? 32  LYS A CE  1 
ATOM   255 N NZ  . LYS A 1 35 ? 7.475   6.216   8.007   1.00 30.60 ? 32  LYS A NZ  1 
ATOM   256 N N   . PHE A 1 36 ? 9.571   -0.088  7.352   1.00 21.90 ? 33  PHE A N   1 
ATOM   257 C CA  . PHE A 1 36 ? 9.505   -1.364  8.089   1.00 23.73 ? 33  PHE A CA  1 
ATOM   258 C C   . PHE A 1 36 ? 10.685  -2.301  8.003   1.00 24.40 ? 33  PHE A C   1 
ATOM   259 O O   . PHE A 1 36 ? 10.582  -3.488  8.337   1.00 25.38 ? 33  PHE A O   1 
ATOM   260 C CB  . PHE A 1 36 ? 8.143   -2.022  7.864   1.00 23.55 ? 33  PHE A CB  1 
ATOM   261 C CG  . PHE A 1 36 ? 7.048   -1.170  8.396   1.00 23.95 ? 33  PHE A CG  1 
ATOM   262 C CD1 . PHE A 1 36 ? 6.644   -0.025  7.705   1.00 22.50 ? 33  PHE A CD1 1 
ATOM   263 C CD2 . PHE A 1 36 ? 6.508   -1.430  9.644   1.00 25.05 ? 33  PHE A CD2 1 
ATOM   264 C CE1 . PHE A 1 36 ? 5.675   0.829   8.217   1.00 21.84 ? 33  PHE A CE1 1 
ATOM   265 C CE2 . PHE A 1 36 ? 5.527   -0.587  10.167  1.00 25.95 ? 33  PHE A CE2 1 
ATOM   266 C CZ  . PHE A 1 36 ? 5.111   0.539   9.457   1.00 22.43 ? 33  PHE A CZ  1 
ATOM   267 N N   . HIS A 1 37 ? 11.840  -1.753  7.633   1.00 25.71 ? 34  HIS A N   1 
ATOM   268 C CA  . HIS A 1 37 ? 13.109  -2.387  8.029   1.00 25.55 ? 34  HIS A CA  1 
ATOM   269 C C   . HIS A 1 37 ? 12.969  -2.724  9.529   1.00 26.25 ? 34  HIS A C   1 
ATOM   270 O O   . HIS A 1 37 ? 12.716  -1.822  10.345  1.00 26.20 ? 34  HIS A O   1 
ATOM   271 C CB  . HIS A 1 37 ? 14.285  -1.427  7.796   1.00 25.51 ? 34  HIS A CB  1 
ATOM   272 C CG  . HIS A 1 37 ? 15.646  -2.045  7.960   1.00 25.19 ? 34  HIS A CG  1 
ATOM   273 N ND1 . HIS A 1 37 ? 16.671  -1.821  7.066   1.00 25.41 ? 34  HIS A ND1 1 
ATOM   274 C CD2 . HIS A 1 37 ? 16.152  -2.866  8.911   1.00 26.10 ? 34  HIS A CD2 1 
ATOM   275 C CE1 . HIS A 1 37 ? 17.747  -2.476  7.457   1.00 26.87 ? 34  HIS A CE1 1 
ATOM   276 N NE2 . HIS A 1 37 ? 17.463  -3.111  8.581   1.00 27.33 ? 34  HIS A NE2 1 
ATOM   277 N N   . PRO A 1 38 ? 13.087  -4.023  9.891   1.00 26.54 ? 35  PRO A N   1 
ATOM   278 C CA  . PRO A 1 38 ? 13.033  -4.513  11.290  1.00 26.70 ? 35  PRO A CA  1 
ATOM   279 C C   . PRO A 1 38 ? 14.049  -3.860  12.248  1.00 26.99 ? 35  PRO A C   1 
ATOM   280 O O   . PRO A 1 38 ? 14.049  -4.163  13.446  1.00 26.77 ? 35  PRO A O   1 
ATOM   281 C CB  . PRO A 1 38 ? 13.336  -6.011  11.157  1.00 26.42 ? 35  PRO A CB  1 
ATOM   282 C CG  . PRO A 1 38 ? 12.922  -6.357  9.736   1.00 26.21 ? 35  PRO A CG  1 
ATOM   283 C CD  . PRO A 1 38 ? 13.242  -5.129  8.919   1.00 26.74 ? 35  PRO A CD  1 
ATOM   284 N N   . ASP A 1 39 ? 14.878  -2.960  11.711  1.00 27.13 ? 36  ASP A N   1 
ATOM   285 C CA  . ASP A 1 39 ? 15.945  -2.271  12.463  1.00 26.74 ? 36  ASP A CA  1 
ATOM   286 C C   . ASP A 1 39 ? 15.457  -0.862  12.837  1.00 25.68 ? 36  ASP A C   1 
ATOM   287 O O   . ASP A 1 39 ? 16.029  -0.211  13.718  1.00 25.65 ? 36  ASP A O   1 
ATOM   288 C CB  . ASP A 1 39 ? 17.171  -2.166  11.555  1.00 27.68 ? 36  ASP A CB  1 
ATOM   289 C CG  . ASP A 1 39 ? 18.474  -2.254  12.285  1.00 28.89 ? 36  ASP A CG  1 
ATOM   290 O OD1 . ASP A 1 39 ? 19.323  -1.369  12.026  1.00 31.53 ? 36  ASP A OD1 1 
ATOM   291 O OD2 . ASP A 1 39 ? 18.680  -3.208  13.075  1.00 31.51 ? 36  ASP A OD2 1 
ATOM   292 N N   . LYS A 1 40 ? 14.420  -0.400  12.133  1.00 24.03 ? 37  LYS A N   1 
ATOM   293 C CA  . LYS A 1 40 ? 13.665  0.810   12.490  1.00 22.46 ? 37  LYS A CA  1 
ATOM   294 C C   . LYS A 1 40 ? 12.378  0.423   13.235  1.00 21.08 ? 37  LYS A C   1 
ATOM   295 O O   . LYS A 1 40 ? 12.020  1.061   14.225  1.00 20.38 ? 37  LYS A O   1 
ATOM   296 C CB  . LYS A 1 40 ? 13.276  1.646   11.257  1.00 22.58 ? 37  LYS A CB  1 
ATOM   297 C CG  . LYS A 1 40 ? 13.950  1.290   9.939   1.00 23.25 ? 37  LYS A CG  1 
ATOM   298 C CD  . LYS A 1 40 ? 15.248  2.053   9.718   1.00 22.19 ? 37  LYS A CD  1 
ATOM   299 C CE  . LYS A 1 40 ? 16.190  1.251   8.835   1.00 22.47 ? 37  LYS A CE  1 
ATOM   300 N NZ  . LYS A 1 40 ? 17.232  2.070   8.174   1.00 23.11 ? 37  LYS A NZ  1 
ATOM   301 N N   . ASN A 1 41 ? 11.701  -0.620  12.742  1.00 19.65 ? 38  ASN A N   1 
ATOM   302 C CA  . ASN A 1 41 ? 10.404  -1.093  13.279  1.00 18.48 ? 38  ASN A CA  1 
ATOM   303 C C   . ASN A 1 41 ? 10.418  -2.600  13.550  1.00 18.05 ? 38  ASN A C   1 
ATOM   304 O O   . ASN A 1 41 ? 9.910   -3.381  12.730  1.00 16.82 ? 38  ASN A O   1 
ATOM   305 C CB  . ASN A 1 41 ? 9.237   -0.757  12.309  1.00 18.61 ? 38  ASN A CB  1 
ATOM   306 C CG  . ASN A 1 41 ? 8.843   0.715   12.357  1.00 18.64 ? 38  ASN A CG  1 
ATOM   307 O OD1 . ASN A 1 41 ? 8.097   1.155   13.251  1.00 16.62 ? 38  ASN A OD1 1 
ATOM   308 N ND2 . ASN A 1 41 ? 9.386   1.499   11.413  1.00 16.41 ? 38  ASN A ND2 1 
ATOM   309 N N   . PRO A 1 42 ? 11.016  -3.024  14.691  1.00 17.62 ? 39  PRO A N   1 
ATOM   310 C CA  . PRO A 1 42 ? 11.059  -4.459  15.037  1.00 17.92 ? 39  PRO A CA  1 
ATOM   311 C C   . PRO A 1 42 ? 9.675   -5.146  15.071  1.00 18.18 ? 39  PRO A C   1 
ATOM   312 O O   . PRO A 1 42 ? 9.533   -6.262  14.551  1.00 18.37 ? 39  PRO A O   1 
ATOM   313 C CB  . PRO A 1 42 ? 11.722  -4.481  16.436  1.00 17.86 ? 39  PRO A CB  1 
ATOM   314 C CG  . PRO A 1 42 ? 11.661  -3.071  16.934  1.00 17.48 ? 39  PRO A CG  1 
ATOM   315 C CD  . PRO A 1 42 ? 11.689  -2.195  15.711  1.00 17.86 ? 39  PRO A CD  1 
ATOM   316 N N   . ASP A 1 43 ? 8.666   -4.473  15.646  1.00 18.40 ? 40  ASP A N   1 
ATOM   317 C CA  . ASP A 1 43 ? 7.346   -5.097  15.841  1.00 18.72 ? 40  ASP A CA  1 
ATOM   318 C C   . ASP A 1 43 ? 6.314   -4.733  14.749  1.00 18.86 ? 40  ASP A C   1 
ATOM   319 O O   . ASP A 1 43 ? 5.097   -4.766  15.007  1.00 18.89 ? 40  ASP A O   1 
ATOM   320 C CB  . ASP A 1 43 ? 6.805   -4.756  17.255  1.00 18.50 ? 40  ASP A CB  1 
ATOM   321 C CG  . ASP A 1 43 ? 7.939   -4.879  18.317  1.00 18.56 ? 40  ASP A CG  1 
ATOM   322 O OD1 . ASP A 1 43 ? 8.416   -3.796  18.818  1.00 18.50 ? 40  ASP A OD1 1 
ATOM   323 O OD2 . ASP A 1 43 ? 8.368   -6.057  18.637  1.00 19.10 ? 40  ASP A OD2 1 
ATOM   324 N N   . GLY A 1 44 ? 6.806   -4.415  13.541  1.00 19.03 ? 41  GLY A N   1 
ATOM   325 C CA  . GLY A 1 44 ? 5.969   -3.873  12.454  1.00 19.79 ? 41  GLY A CA  1 
ATOM   326 C C   . GLY A 1 44 ? 5.304   -4.874  11.497  1.00 20.66 ? 41  GLY A C   1 
ATOM   327 O O   . GLY A 1 44 ? 4.777   -4.486  10.426  1.00 18.85 ? 41  GLY A O   1 
ATOM   328 N N   . ALA A 1 45 ? 5.273   -6.155  11.893  1.00 21.86 ? 42  ALA A N   1 
ATOM   329 C CA  . ALA A 1 45 ? 4.760   -7.226  11.004  1.00 22.57 ? 42  ALA A CA  1 
ATOM   330 C C   . ALA A 1 45 ? 3.329   -6.987  10.505  1.00 23.44 ? 42  ALA A C   1 
ATOM   331 O O   . ALA A 1 45 ? 3.098   -6.968  9.297   1.00 22.50 ? 42  ALA A O   1 
ATOM   332 C CB  . ALA A 1 45 ? 4.897   -8.589  11.662  1.00 22.92 ? 42  ALA A CB  1 
ATOM   333 N N   . GLU A 1 46 ? 2.382   -6.790  11.427  1.00 23.96 ? 43  GLU A N   1 
ATOM   334 C CA  . GLU A 1 46 ? 0.977   -6.479  11.066  1.00 24.46 ? 43  GLU A CA  1 
ATOM   335 C C   . GLU A 1 46 ? 0.821   -5.260  10.158  1.00 24.11 ? 43  GLU A C   1 
ATOM   336 O O   . GLU A 1 46 ? 0.037   -5.277  9.198   1.00 24.82 ? 43  GLU A O   1 
ATOM   337 C CB  . GLU A 1 46 ? 0.140   -6.224  12.315  1.00 25.11 ? 43  GLU A CB  1 
ATOM   338 C CG  . GLU A 1 46 ? -0.466  -7.462  13.017  1.00 27.56 ? 43  GLU A CG  1 
ATOM   339 C CD  . GLU A 1 46 ? -1.985  -7.494  12.921  1.00 28.32 ? 43  GLU A CD  1 
ATOM   340 O OE1 . GLU A 1 46 ? -2.646  -7.610  13.976  1.00 28.52 ? 43  GLU A OE1 1 
ATOM   341 O OE2 . GLU A 1 46 ? -2.512  -7.362  11.791  1.00 30.09 ? 43  GLU A OE2 1 
ATOM   342 N N   . GLN A 1 47 ? 1.517   -4.179  10.478  1.00 22.13 ? 44  GLN A N   1 
ATOM   343 C CA  . GLN A 1 47 ? 1.415   -3.003  9.661   1.00 21.99 ? 44  GLN A CA  1 
ATOM   344 C C   . GLN A 1 47 ? 1.931   -3.325  8.240   1.00 19.76 ? 44  GLN A C   1 
ATOM   345 O O   . GLN A 1 47 ? 1.323   -2.906  7.245   1.00 20.04 ? 44  GLN A O   1 
ATOM   346 C CB  . GLN A 1 47 ? 2.172   -1.862  10.308  1.00 22.78 ? 44  GLN A CB  1 
ATOM   347 C CG  . GLN A 1 47 ? 2.273   -0.598  9.467   1.00 27.54 ? 44  GLN A CG  1 
ATOM   348 C CD  . GLN A 1 47 ? 0.958   0.117   9.307   1.00 34.33 ? 44  GLN A CD  1 
ATOM   349 O OE1 . GLN A 1 47 ? -0.001  -0.434  8.741   1.00 37.44 ? 44  GLN A OE1 1 
ATOM   350 N NE2 . GLN A 1 47 ? 0.898   1.357   9.787   1.00 33.48 ? 44  GLN A NE2 1 
ATOM   351 N N   . PHE A 1 48 ? 3.018   -4.083  8.132   1.00 18.02 ? 45  PHE A N   1 
ATOM   352 C CA  A PHE A 1 48 ? 3.514   -4.349  6.788   0.50 18.97 ? 45  PHE A CA  1 
ATOM   353 C CA  B PHE A 1 48 ? 3.592   -4.495  6.843   0.50 19.31 ? 45  PHE A CA  1 
ATOM   354 C C   . PHE A 1 48 ? 2.576   -5.296  6.022   1.00 19.54 ? 45  PHE A C   1 
ATOM   355 O O   . PHE A 1 48 ? 2.514   -5.230  4.790   1.00 20.30 ? 45  PHE A O   1 
ATOM   356 C CB  A PHE A 1 48 ? 4.998   -4.758  6.737   0.50 18.28 ? 45  PHE A CB  1 
ATOM   357 C CB  B PHE A 1 48 ? 4.860   -5.338  7.080   0.50 18.91 ? 45  PHE A CB  1 
ATOM   358 C CG  A PHE A 1 48 ? 5.636   -4.547  5.366   0.50 17.09 ? 45  PHE A CG  1 
ATOM   359 C CG  B PHE A 1 48 ? 5.403   -5.990  5.828   0.50 18.85 ? 45  PHE A CG  1 
ATOM   360 C CD1 A PHE A 1 48 ? 5.864   -3.255  4.871   0.50 16.23 ? 45  PHE A CD1 1 
ATOM   361 C CD1 B PHE A 1 48 ? 6.227   -5.281  4.959   0.50 17.96 ? 45  PHE A CD1 1 
ATOM   362 C CD2 A PHE A 1 48 ? 5.973   -5.630  4.567   0.50 15.98 ? 45  PHE A CD2 1 
ATOM   363 C CD2 B PHE A 1 48 ? 5.084   -7.310  5.517   0.50 18.23 ? 45  PHE A CD2 1 
ATOM   364 C CE1 A PHE A 1 48 ? 6.463   -3.060  3.626   0.50 13.81 ? 45  PHE A CE1 1 
ATOM   365 C CE1 B PHE A 1 48 ? 6.726   -5.877  3.807   0.50 18.48 ? 45  PHE A CE1 1 
ATOM   366 C CE2 A PHE A 1 48 ? 6.545   -5.435  3.306   0.50 15.18 ? 45  PHE A CE2 1 
ATOM   367 C CE2 B PHE A 1 48 ? 5.579   -7.913  4.369   0.50 17.75 ? 45  PHE A CE2 1 
ATOM   368 C CZ  A PHE A 1 48 ? 6.781   -4.145  2.837   0.50 13.86 ? 45  PHE A CZ  1 
ATOM   369 C CZ  B PHE A 1 48 ? 6.400   -7.193  3.512   0.50 18.67 ? 45  PHE A CZ  1 
ATOM   370 N N   . LYS A 1 49 ? 1.792   -6.112  6.713   1.00 21.96 ? 46  LYS A N   1 
ATOM   371 C CA  . LYS A 1 49 ? 0.770   -6.907  5.983   1.00 23.64 ? 46  LYS A CA  1 
ATOM   372 C C   . LYS A 1 49 ? -0.337  -6.029  5.379   1.00 23.52 ? 46  LYS A C   1 
ATOM   373 O O   . LYS A 1 49 ? -0.784  -6.294  4.283   1.00 24.04 ? 46  LYS A O   1 
ATOM   374 C CB  . LYS A 1 49 ? 0.176   -7.996  6.839   1.00 24.46 ? 46  LYS A CB  1 
ATOM   375 C CG  . LYS A 1 49 ? -1.082  -7.624  7.623   1.00 27.73 ? 46  LYS A CG  1 
ATOM   376 C CD  . LYS A 1 49 ? -1.754  -8.867  8.216   1.00 28.85 ? 46  LYS A CD  1 
ATOM   377 C CE  . LYS A 1 49 ? -1.093  -9.316  9.517   1.00 31.22 ? 46  LYS A CE  1 
ATOM   378 N NZ  . LYS A 1 49 ? -2.001  -10.173 10.338  1.00 33.10 ? 46  LYS A NZ  1 
ATOM   379 N N   . GLN A 1 50 ? -0.767  -5.001  6.101   1.00 23.32 ? 47  GLN A N   1 
ATOM   380 C CA  . GLN A 1 50 ? -1.752  -4.047  5.612   1.00 24.22 ? 47  GLN A CA  1 
ATOM   381 C C   . GLN A 1 50 ? -1.172  -3.313  4.410   1.00 23.39 ? 47  GLN A C   1 
ATOM   382 O O   . GLN A 1 50 ? -1.887  -3.047  3.454   1.00 22.64 ? 47  GLN A O   1 
ATOM   383 C CB  . GLN A 1 50 ? -2.140  -3.026  6.686   1.00 24.66 ? 47  GLN A CB  1 
ATOM   384 C CG  . GLN A 1 50 ? -3.635  -2.943  7.011   1.00 30.08 ? 47  GLN A CG  1 
ATOM   385 C CD  . GLN A 1 50 ? -4.174  -4.310  7.263   1.00 34.74 ? 47  GLN A CD  1 
ATOM   386 O OE1 . GLN A 1 50 ? -3.602  -5.068  8.047   1.00 37.97 ? 47  GLN A OE1 1 
ATOM   387 N NE2 . GLN A 1 50 ? -5.237  -4.673  6.557   1.00 37.33 ? 47  GLN A NE2 1 
ATOM   388 N N   . ILE A 1 51 ? 0.121   -2.982  4.473   1.00 21.29 ? 48  ILE A N   1 
ATOM   389 C CA  . ILE A 1 51 ? 0.776   -2.255  3.425   1.00 21.62 ? 48  ILE A CA  1 
ATOM   390 C C   . ILE A 1 51 ? 0.840   -3.168  2.210   1.00 22.40 ? 48  ILE A C   1 
ATOM   391 O O   . ILE A 1 51 ? 0.593   -2.726  1.081   1.00 23.46 ? 48  ILE A O   1 
ATOM   392 C CB  . ILE A 1 51 ? 2.205   -1.771  3.876   1.00 21.26 ? 48  ILE A CB  1 
ATOM   393 C CG1 . ILE A 1 51 ? 1.990   -0.627  4.859   1.00 20.53 ? 48  ILE A CG1 1 
ATOM   394 C CG2 . ILE A 1 51 ? 3.071   -1.386  2.677   1.00 22.25 ? 48  ILE A CG2 1 
ATOM   395 C CD1 . ILE A 1 51 ? 3.260   -0.329  5.705   1.00 22.98 ? 48  ILE A CD1 1 
ATOM   396 N N   . SER A 1 52 ? 1.152   -4.437  2.464   1.00 21.18 ? 49  SER A N   1 
ATOM   397 C CA  . SER A 1 52 ? 1.296   -5.432  1.423   1.00 22.86 ? 49  SER A CA  1 
ATOM   398 C C   . SER A 1 52 ? -0.070  -5.616  0.737   1.00 22.41 ? 49  SER A C   1 
ATOM   399 O O   . SER A 1 52 ? -0.157  -5.646  -0.498  1.00 23.51 ? 49  SER A O   1 
ATOM   400 C CB  . SER A 1 52 ? 1.805   -6.752  2.034   1.00 23.10 ? 49  SER A CB  1 
ATOM   401 O OG  . SER A 1 52 ? 3.190   -6.623  2.330   1.00 25.50 ? 49  SER A OG  1 
ATOM   402 N N   . GLN A 1 53 ? -1.114  -5.678  1.553   1.00 22.38 ? 50  GLN A N   1 
ATOM   403 C CA  A GLN A 1 53 ? -2.460  -5.856  1.011   0.50 22.78 ? 50  GLN A CA  1 
ATOM   404 C CA  B GLN A 1 53 ? -2.516  -5.802  1.098   0.50 22.70 ? 50  GLN A CA  1 
ATOM   405 C C   . GLN A 1 53 ? -2.928  -4.635  0.196   1.00 21.18 ? 50  GLN A C   1 
ATOM   406 O O   . GLN A 1 53 ? -3.504  -4.801  -0.867  1.00 20.78 ? 50  GLN A O   1 
ATOM   407 C CB  A GLN A 1 53 ? -3.441  -6.224  2.126   0.50 22.41 ? 50  GLN A CB  1 
ATOM   408 C CB  B GLN A 1 53 ? -3.445  -5.865  2.324   0.50 22.02 ? 50  GLN A CB  1 
ATOM   409 C CG  A GLN A 1 53 ? -4.759  -6.854  1.658   0.50 25.31 ? 50  GLN A CG  1 
ATOM   410 C CG  B GLN A 1 53 ? -4.930  -5.571  2.048   0.50 23.57 ? 50  GLN A CG  1 
ATOM   411 C CD  A GLN A 1 53 ? -4.590  -7.897  0.556   0.50 26.09 ? 50  GLN A CD  1 
ATOM   412 C CD  B GLN A 1 53 ? -5.824  -5.869  3.232   0.50 23.65 ? 50  GLN A CD  1 
ATOM   413 O OE1 A GLN A 1 53 ? -4.129  -9.019  0.802   0.50 27.89 ? 50  GLN A OE1 1 
ATOM   414 O OE1 B GLN A 1 53 ? -5.768  -5.190  4.261   0.50 24.76 ? 50  GLN A OE1 1 
ATOM   415 N NE2 A GLN A 1 53 ? -4.985  -7.534  -0.664  0.50 25.21 ? 50  GLN A NE2 1 
ATOM   416 N NE2 B GLN A 1 53 ? -6.665  -6.886  3.094   0.50 24.45 ? 50  GLN A NE2 1 
ATOM   417 N N   . ALA A 1 54 ? -2.651  -3.430  0.672   1.00 20.39 ? 51  ALA A N   1 
ATOM   418 C CA  . ALA A 1 54 ? -3.028  -2.218  -0.057  1.00 18.63 ? 51  ALA A CA  1 
ATOM   419 C C   . ALA A 1 54 ? -2.372  -2.206  -1.451  1.00 19.18 ? 51  ALA A C   1 
ATOM   420 O O   . ALA A 1 54 ? -2.997  -1.795  -2.460  1.00 19.18 ? 51  ALA A O   1 
ATOM   421 C CB  . ALA A 1 54 ? -2.620  -0.947  0.742   1.00 16.94 ? 51  ALA A CB  1 
ATOM   422 N N   . TYR A 1 55 ? -1.082  -2.543  -1.480  1.00 19.93 ? 52  TYR A N   1 
ATOM   423 C CA  . TYR A 1 55 ? -0.328  -2.500  -2.734  1.00 19.77 ? 52  TYR A CA  1 
ATOM   424 C C   . TYR A 1 55 ? -0.879  -3.566  -3.672  1.00 21.13 ? 52  TYR A C   1 
ATOM   425 O O   . TYR A 1 55 ? -1.039  -3.313  -4.889  1.00 21.04 ? 52  TYR A O   1 
ATOM   426 C CB  . TYR A 1 55 ? 1.203   -2.668  -2.521  1.00 20.11 ? 52  TYR A CB  1 
ATOM   427 C CG  . TYR A 1 55 ? 1.916   -2.649  -3.864  1.00 20.29 ? 52  TYR A CG  1 
ATOM   428 C CD1 . TYR A 1 55 ? 2.107   -1.418  -4.569  1.00 14.51 ? 52  TYR A CD1 1 
ATOM   429 C CD2 . TYR A 1 55 ? 2.295   -3.836  -4.500  1.00 19.59 ? 52  TYR A CD2 1 
ATOM   430 C CE1 . TYR A 1 55 ? 2.711   -1.384  -5.852  1.00 16.47 ? 52  TYR A CE1 1 
ATOM   431 C CE2 . TYR A 1 55 ? 2.916   -3.800  -5.793  1.00 21.14 ? 52  TYR A CE2 1 
ATOM   432 C CZ  . TYR A 1 55 ? 3.118   -2.551  -6.430  1.00 21.72 ? 52  TYR A CZ  1 
ATOM   433 O OH  . TYR A 1 55 ? 3.701   -2.500  -7.660  1.00 23.00 ? 52  TYR A OH  1 
ATOM   434 N N   . GLU A 1 56 ? -1.129  -4.756  -3.127  1.00 21.85 ? 53  GLU A N   1 
ATOM   435 C CA  . GLU A 1 56 ? -1.704  -5.858  -3.935  1.00 24.91 ? 53  GLU A CA  1 
ATOM   436 C C   . GLU A 1 56 ? -3.054  -5.481  -4.580  1.00 23.59 ? 53  GLU A C   1 
ATOM   437 O O   . GLU A 1 56 ? -3.259  -5.752  -5.768  1.00 22.89 ? 53  GLU A O   1 
ATOM   438 C CB  . GLU A 1 56 ? -1.770  -7.156  -3.127  1.00 26.17 ? 53  GLU A CB  1 
ATOM   439 C CG  . GLU A 1 56 ? -2.737  -8.260  -3.698  1.00 29.75 ? 53  GLU A CG  1 
ATOM   440 C CD  . GLU A 1 56 ? -2.930  -9.469  -2.763  1.00 30.27 ? 53  GLU A CD  1 
ATOM   441 O OE1 . GLU A 1 56 ? -1.936  -9.917  -2.155  1.00 37.13 ? 53  GLU A OE1 1 
ATOM   442 O OE2 . GLU A 1 56 ? -4.087  -9.962  -2.645  1.00 35.01 ? 53  GLU A OE2 1 
ATOM   443 N N   . VAL A 1 57 ? -3.957  -4.833  -3.831  1.00 21.77 ? 54  VAL A N   1 
ATOM   444 C CA  . VAL A 1 57 ? -5.177  -4.243  -4.450  1.00 22.20 ? 54  VAL A CA  1 
ATOM   445 C C   . VAL A 1 57 ? -4.919  -3.136  -5.491  1.00 21.60 ? 54  VAL A C   1 
ATOM   446 O O   . VAL A 1 57 ? -5.369  -3.241  -6.642  1.00 23.37 ? 54  VAL A O   1 
ATOM   447 C CB  . VAL A 1 57 ? -6.172  -3.755  -3.356  1.00 22.21 ? 54  VAL A CB  1 
ATOM   448 C CG1 . VAL A 1 57 ? -7.389  -2.968  -3.968  1.00 22.34 ? 54  VAL A CG1 1 
ATOM   449 C CG2 . VAL A 1 57 ? -6.633  -4.987  -2.542  1.00 22.82 ? 54  VAL A CG2 1 
ATOM   450 N N   . LEU A 1 58 ? -4.199  -2.087  -5.092  1.00 19.91 ? 55  LEU A N   1 
ATOM   451 C CA  . LEU A 1 58 ? -4.101  -0.863  -5.908  1.00 19.17 ? 55  LEU A CA  1 
ATOM   452 C C   . LEU A 1 58 ? -3.275  -1.065  -7.164  1.00 19.67 ? 55  LEU A C   1 
ATOM   453 O O   . LEU A 1 58 ? -3.483  -0.371  -8.175  1.00 19.52 ? 55  LEU A O   1 
ATOM   454 C CB  . LEU A 1 58 ? -3.568  0.320   -5.068  1.00 19.17 ? 55  LEU A CB  1 
ATOM   455 C CG  . LEU A 1 58 ? -4.491  0.697   -3.905  1.00 18.74 ? 55  LEU A CG  1 
ATOM   456 C CD1 . LEU A 1 58 ? -3.784  1.788   -3.146  1.00 17.80 ? 55  LEU A CD1 1 
ATOM   457 C CD2 . LEU A 1 58 ? -5.914  1.091   -4.358  1.00 19.66 ? 55  LEU A CD2 1 
ATOM   458 N N   . SER A 1 59 ? -2.334  -2.000  -7.105  1.00 20.94 ? 56  SER A N   1 
ATOM   459 C CA  . SER A 1 59 ? -1.427  -2.236  -8.246  1.00 21.21 ? 56  SER A CA  1 
ATOM   460 C C   . SER A 1 59 ? -2.083  -3.128  -9.312  1.00 21.86 ? 56  SER A C   1 
ATOM   461 O O   . SER A 1 59 ? -1.574  -3.223  -10.442 1.00 21.66 ? 56  SER A O   1 
ATOM   462 C CB  . SER A 1 59 ? -0.085  -2.830  -7.768  1.00 21.89 ? 56  SER A CB  1 
ATOM   463 O OG  . SER A 1 59 ? -0.282  -4.163  -7.300  1.00 23.60 ? 56  SER A OG  1 
ATOM   464 N N   . ASP A 1 60 ? -3.219  -3.749  -8.977  1.00 20.24 ? 57  ASP A N   1 
ATOM   465 C CA  . ASP A 1 60 ? -3.979  -4.568  -9.948  1.00 22.84 ? 57  ASP A CA  1 
ATOM   466 C C   . ASP A 1 60 ? -5.079  -3.684  -10.514 1.00 23.18 ? 57  ASP A C   1 
ATOM   467 O O   . ASP A 1 60 ? -5.916  -3.147  -9.769  1.00 23.63 ? 57  ASP A O   1 
ATOM   468 C CB  . ASP A 1 60 ? -4.534  -5.810  -9.259  1.00 21.95 ? 57  ASP A CB  1 
ATOM   469 C CG  . ASP A 1 60 ? -5.362  -6.715  -10.190 1.00 27.39 ? 57  ASP A CG  1 
ATOM   470 O OD1 . ASP A 1 60 ? -4.920  -7.845  -10.425 1.00 31.39 ? 57  ASP A OD1 1 
ATOM   471 O OD2 . ASP A 1 60 ? -6.466  -6.328  -10.613 1.00 25.38 ? 57  ASP A OD2 1 
ATOM   472 N N   . GLU A 1 61 ? -5.078  -3.518  -11.835 1.00 22.46 ? 58  GLU A N   1 
ATOM   473 C CA  A GLU A 1 61 ? -6.026  -2.590  -12.467 0.60 23.03 ? 58  GLU A CA  1 
ATOM   474 C CA  B GLU A 1 61 ? -6.016  -2.613  -12.486 0.40 22.46 ? 58  GLU A CA  1 
ATOM   475 C C   . GLU A 1 61 ? -7.485  -2.981  -12.205 1.00 22.38 ? 58  GLU A C   1 
ATOM   476 O O   . GLU A 1 61 ? -8.350  -2.101  -11.962 1.00 20.80 ? 58  GLU A O   1 
ATOM   477 C CB  A GLU A 1 61 ? -5.756  -2.431  -13.975 0.60 23.81 ? 58  GLU A CB  1 
ATOM   478 C CB  B GLU A 1 61 ? -5.703  -2.601  -13.985 0.40 23.27 ? 58  GLU A CB  1 
ATOM   479 C CG  A GLU A 1 61 ? -6.714  -1.448  -14.665 0.60 23.65 ? 58  GLU A CG  1 
ATOM   480 C CG  B GLU A 1 61 ? -4.196  -2.487  -14.284 0.40 23.67 ? 58  GLU A CG  1 
ATOM   481 C CD  A GLU A 1 61 ? -6.483  -1.311  -16.158 0.60 25.91 ? 58  GLU A CD  1 
ATOM   482 C CD  B GLU A 1 61 ? -3.348  -3.648  -13.724 0.40 24.62 ? 58  GLU A CD  1 
ATOM   483 O OE1 A GLU A 1 61 ? -5.423  -1.757  -16.661 0.60 27.82 ? 58  GLU A OE1 1 
ATOM   484 O OE1 B GLU A 1 61 ? -3.799  -4.813  -13.738 0.40 26.52 ? 58  GLU A OE1 1 
ATOM   485 O OE2 A GLU A 1 61 ? -7.380  -0.744  -16.828 0.60 29.56 ? 58  GLU A OE2 1 
ATOM   486 O OE2 B GLU A 1 61 ? -2.222  -3.386  -13.250 0.40 25.82 ? 58  GLU A OE2 1 
ATOM   487 N N   . LYS A 1 62 ? -7.789  -4.274  -12.248 1.00 22.25 ? 59  LYS A N   1 
ATOM   488 C CA  A LYS A 1 62 ? -9.175  -4.739  -12.031 0.50 22.66 ? 59  LYS A CA  1 
ATOM   489 C CA  B LYS A 1 62 ? -9.181  -4.693  -12.042 0.50 22.46 ? 59  LYS A CA  1 
ATOM   490 C C   . LYS A 1 62 ? -9.607  -4.535  -10.587 1.00 22.15 ? 59  LYS A C   1 
ATOM   491 O O   . LYS A 1 62 ? -10.694 -4.036  -10.322 1.00 21.30 ? 59  LYS A O   1 
ATOM   492 C CB  A LYS A 1 62 ? -9.358  -6.192  -12.475 0.50 22.38 ? 59  LYS A CB  1 
ATOM   493 C CB  B LYS A 1 62 ? -9.445  -6.089  -12.604 0.50 22.59 ? 59  LYS A CB  1 
ATOM   494 C CG  A LYS A 1 62 ? -9.782  -6.299  -13.947 0.50 24.71 ? 59  LYS A CG  1 
ATOM   495 C CG  B LYS A 1 62 ? -9.471  -6.155  -14.167 0.50 24.25 ? 59  LYS A CG  1 
ATOM   496 C CD  A LYS A 1 62 ? -9.931  -7.729  -14.446 0.50 23.73 ? 59  LYS A CD  1 
ATOM   497 C CD  B LYS A 1 62 ? -10.289 -5.013  -14.827 0.50 24.28 ? 59  LYS A CD  1 
ATOM   498 C CE  A LYS A 1 62 ? -10.024 -7.741  -15.968 0.50 25.75 ? 59  LYS A CE  1 
ATOM   499 C CE  B LYS A 1 62 ? -10.405 -5.191  -16.340 0.50 24.96 ? 59  LYS A CE  1 
ATOM   500 N NZ  A LYS A 1 62 ? -9.757  -9.080  -16.548 0.50 25.77 ? 59  LYS A NZ  1 
ATOM   501 N NZ  B LYS A 1 62 ? -11.560 -6.071  -16.700 0.50 27.29 ? 59  LYS A NZ  1 
ATOM   502 N N   . LYS A 1 63 ? -8.728  -4.887  -9.640  1.00 21.67 ? 60  LYS A N   1 
ATOM   503 C CA  . LYS A 1 63 ? -9.067  -4.708  -8.216  1.00 20.63 ? 60  LYS A CA  1 
ATOM   504 C C   . LYS A 1 63 ? -9.123  -3.242  -7.885  1.00 19.79 ? 60  LYS A C   1 
ATOM   505 O O   . LYS A 1 63 ? -9.965  -2.804  -7.107  1.00 19.68 ? 60  LYS A O   1 
ATOM   506 C CB  . LYS A 1 63 ? -8.065  -5.406  -7.304  1.00 20.68 ? 60  LYS A CB  1 
ATOM   507 C CG  . LYS A 1 63 ? -8.082  -6.898  -7.491  1.00 20.32 ? 60  LYS A CG  1 
ATOM   508 C CD  . LYS A 1 63 ? -6.968  -7.568  -6.721  1.00 23.81 ? 60  LYS A CD  1 
ATOM   509 C CE  . LYS A 1 63 ? -7.153  -9.098  -6.823  1.00 28.70 ? 60  LYS A CE  1 
ATOM   510 N NZ  . LYS A 1 63 ? -6.012  -9.859  -6.252  1.00 34.21 ? 60  LYS A NZ  1 
ATOM   511 N N   . ARG A 1 64 ? -8.248  -2.450  -8.507  1.00 19.06 ? 61  ARG A N   1 
ATOM   512 C CA  . ARG A 1 64 ? -8.249  -1.036  -8.183  1.00 19.44 ? 61  ARG A CA  1 
ATOM   513 C C   . ARG A 1 64 ? -9.533  -0.383  -8.712  1.00 19.18 ? 61  ARG A C   1 
ATOM   514 O O   . ARG A 1 64 ? -10.130 0.450   -8.038  1.00 17.61 ? 61  ARG A O   1 
ATOM   515 C CB  . ARG A 1 64 ? -6.990  -0.329  -8.738  1.00 19.14 ? 61  ARG A CB  1 
ATOM   516 C CG  . ARG A 1 64 ? -6.974  1.130   -8.365  1.00 21.78 ? 61  ARG A CG  1 
ATOM   517 C CD  . ARG A 1 64 ? -5.774  1.858   -9.006  1.00 21.25 ? 61  ARG A CD  1 
ATOM   518 N NE  . ARG A 1 64 ? -5.659  3.211   -8.455  1.00 21.42 ? 61  ARG A NE  1 
ATOM   519 C CZ  . ARG A 1 64 ? -4.669  4.029   -8.788  1.00 20.67 ? 61  ARG A CZ  1 
ATOM   520 N NH1 . ARG A 1 64 ? -3.723  3.590   -9.622  1.00 18.99 ? 61  ARG A NH1 1 
ATOM   521 N NH2 . ARG A 1 64 ? -4.601  5.241   -8.274  1.00 18.93 ? 61  ARG A NH2 1 
ATOM   522 N N   . GLN A 1 65 ? -9.977  -0.806  -9.888  1.00 20.66 ? 62  GLN A N   1 
ATOM   523 C CA  . GLN A 1 65 ? -11.262 -0.304  -10.428 1.00 24.53 ? 62  GLN A CA  1 
ATOM   524 C C   . GLN A 1 65 ? -12.443 -0.634  -9.473  1.00 24.18 ? 62  GLN A C   1 
ATOM   525 O O   . GLN A 1 65 ? -13.317 0.207   -9.208  1.00 24.98 ? 62  GLN A O   1 
ATOM   526 C CB  . GLN A 1 65 ? -11.519 -0.895  -11.811 1.00 24.68 ? 62  GLN A CB  1 
ATOM   527 C CG  . GLN A 1 65 ? -10.788 -0.195  -12.943 1.00 31.48 ? 62  GLN A CG  1 
ATOM   528 C CD  . GLN A 1 65 ? -11.062 -0.874  -14.290 1.00 31.40 ? 62  GLN A CD  1 
ATOM   529 O OE1 . GLN A 1 65 ? -11.920 -1.800  -14.391 1.00 40.25 ? 62  GLN A OE1 1 
ATOM   530 N NE2 . GLN A 1 65 ? -10.353 -0.423  -15.338 1.00 37.65 ? 62  GLN A NE2 1 
ATOM   531 N N   . ILE A 1 66 ? -12.448 -1.847  -8.916  1.00 22.88 ? 63  ILE A N   1 
ATOM   532 C CA  . ILE A 1 66 ? -13.494 -2.220  -7.955  1.00 23.22 ? 63  ILE A CA  1 
ATOM   533 C C   . ILE A 1 66 ? -13.402 -1.326  -6.712  1.00 22.87 ? 63  ILE A C   1 
ATOM   534 O O   . ILE A 1 66 ? -14.417 -0.800  -6.232  1.00 22.80 ? 63  ILE A O   1 
ATOM   535 C CB  . ILE A 1 66 ? -13.405 -3.713  -7.598  1.00 22.66 ? 63  ILE A CB  1 
ATOM   536 C CG1 . ILE A 1 66 ? -13.716 -4.551  -8.836  1.00 22.02 ? 63  ILE A CG1 1 
ATOM   537 C CG2 . ILE A 1 66 ? -14.330 -4.111  -6.388  1.00 20.79 ? 63  ILE A CG2 1 
ATOM   538 C CD1 . ILE A 1 66 ? -13.327 -5.981  -8.728  1.00 23.18 ? 63  ILE A CD1 1 
ATOM   539 N N   . TYR A 1 67 ? -12.187 -1.171  -6.193  1.00 22.82 ? 64  TYR A N   1 
ATOM   540 C CA  . TYR A 1 67 ? -11.943 -0.341  -5.020  1.00 22.15 ? 64  TYR A CA  1 
ATOM   541 C C   . TYR A 1 67 ? -12.449 1.101   -5.263  1.00 22.57 ? 64  TYR A C   1 
ATOM   542 O O   . TYR A 1 67 ? -13.163 1.682   -4.428  1.00 23.96 ? 64  TYR A O   1 
ATOM   543 C CB  . TYR A 1 67 ? -10.449 -0.323  -4.729  1.00 22.05 ? 64  TYR A CB  1 
ATOM   544 C CG  . TYR A 1 67 ? -10.135 0.387   -3.437  1.00 23.70 ? 64  TYR A CG  1 
ATOM   545 C CD1 . TYR A 1 67 ? -10.325 -0.257  -2.223  1.00 24.92 ? 64  TYR A CD1 1 
ATOM   546 C CD2 . TYR A 1 67 ? -9.670  1.703   -3.433  1.00 22.37 ? 64  TYR A CD2 1 
ATOM   547 C CE1 . TYR A 1 67 ? -10.024 0.385   -1.003  1.00 25.02 ? 64  TYR A CE1 1 
ATOM   548 C CE2 . TYR A 1 67 ? -9.348  2.364   -2.230  1.00 22.05 ? 64  TYR A CE2 1 
ATOM   549 C CZ  . TYR A 1 67 ? -9.559  1.694   -1.017  1.00 23.22 ? 64  TYR A CZ  1 
ATOM   550 O OH  . TYR A 1 67 ? -9.272  2.297   0.171   1.00 24.49 ? 64  TYR A OH  1 
ATOM   551 N N   . ASP A 1 68 ? -12.103 1.665   -6.408  1.00 22.82 ? 65  ASP A N   1 
ATOM   552 C CA  . ASP A 1 68 ? -12.494 3.043   -6.714  1.00 24.11 ? 65  ASP A CA  1 
ATOM   553 C C   . ASP A 1 68 ? -14.006 3.118   -6.888  1.00 25.58 ? 65  ASP A C   1 
ATOM   554 O O   . ASP A 1 68 ? -14.628 4.078   -6.416  1.00 27.31 ? 65  ASP A O   1 
ATOM   555 C CB  . ASP A 1 68 ? -11.735 3.569   -7.939  1.00 23.33 ? 65  ASP A CB  1 
ATOM   556 C CG  . ASP A 1 68 ? -10.257 3.858   -7.630  1.00 24.40 ? 65  ASP A CG  1 
ATOM   557 O OD1 . ASP A 1 68 ? -9.925  4.064   -6.443  1.00 24.81 ? 65  ASP A OD1 1 
ATOM   558 O OD2 . ASP A 1 68 ? -9.438  3.877   -8.574  1.00 24.19 ? 65  ASP A OD2 1 
ATOM   559 N N   . GLN A 1 69 ? -14.594 2.090   -7.507  1.00 26.35 ? 66  GLN A N   1 
ATOM   560 C CA  . GLN A 1 69 ? -16.050 2.061   -7.735  1.00 28.72 ? 66  GLN A CA  1 
ATOM   561 C C   . GLN A 1 69 ? -16.721 2.089   -6.360  1.00 30.48 ? 66  GLN A C   1 
ATOM   562 O O   . GLN A 1 69 ? -17.700 2.822   -6.154  1.00 31.29 ? 66  GLN A O   1 
ATOM   563 C CB  . GLN A 1 69 ? -16.480 0.790   -8.494  1.00 27.88 ? 66  GLN A CB  1 
ATOM   564 C CG  . GLN A 1 69 ? -17.952 0.746   -8.927  1.00 29.98 ? 66  GLN A CG  1 
ATOM   565 C CD  . GLN A 1 69 ? -18.356 1.971   -9.683  1.00 36.41 ? 66  GLN A CD  1 
ATOM   566 O OE1 . GLN A 1 69 ? -19.147 2.786   -9.197  1.00 40.71 ? 66  GLN A OE1 1 
ATOM   567 N NE2 . GLN A 1 69 ? -17.779 2.145   -10.865 1.00 39.54 ? 66  GLN A NE2 1 
ATOM   568 N N   . GLY A 1 70 ? -16.175 1.305   -5.428  1.00 31.20 ? 67  GLY A N   1 
ATOM   569 C CA  . GLY A 1 70 ? -16.669 1.232   -4.053  1.00 33.19 ? 67  GLY A CA  1 
ATOM   570 C C   . GLY A 1 70 ? -16.775 2.573   -3.354  1.00 34.59 ? 67  GLY A C   1 
ATOM   571 O O   . GLY A 1 70 ? -17.475 2.683   -2.344  1.00 35.57 ? 67  GLY A O   1 
ATOM   572 N N   . GLY A 1 71 ? -16.113 3.594   -3.901  1.00 35.32 ? 68  GLY A N   1 
ATOM   573 C CA  . GLY A 1 71 ? -16.041 4.930   -3.275  1.00 35.44 ? 68  GLY A CA  1 
ATOM   574 C C   . GLY A 1 71 ? -16.861 6.038   -3.914  1.00 35.42 ? 68  GLY A C   1 
ATOM   575 O O   . GLY A 1 71 ? -18.029 5.863   -4.257  1.00 35.62 ? 68  GLY A O   1 
HETATM 576 O O   . HOH B 2 .  ? -1.156  13.716  -7.869  1.00 22.57 ? 71  HOH A O   1 
HETATM 577 O O   . HOH B 2 .  ? 4.813   7.809   -4.471  1.00 20.48 ? 72  HOH A O   1 
HETATM 578 O O   . HOH B 2 .  ? -3.668  8.012   -12.236 0.50 32.88 ? 73  HOH A O   1 
HETATM 579 O O   . HOH B 2 .  ? 0.202   10.435  -4.474  1.00 23.94 ? 74  HOH A O   1 
HETATM 580 O O   . HOH B 2 .  ? -7.412  5.766   1.105   1.00 35.52 ? 75  HOH A O   1 
HETATM 581 O O   . HOH B 2 .  ? -0.421  11.202  -6.916  1.00 26.14 ? 76  HOH A O   1 
HETATM 582 O O   . HOH B 2 .  ? -3.152  0.638   -10.530 1.00 30.22 ? 77  HOH A O   1 
HETATM 583 O O   . HOH B 2 .  ? 12.481  5.392   -4.217  1.00 48.66 ? 78  HOH A O   1 
HETATM 584 O O   . HOH B 2 .  ? 11.217  4.802   3.626   1.00 43.23 ? 79  HOH A O   1 
HETATM 585 O O   . HOH B 2 .  ? -7.695  0.732   -12.417 1.00 39.11 ? 80  HOH A O   1 
HETATM 586 O O   . HOH B 2 .  ? 8.835   3.717   -8.959  1.00 40.48 ? 81  HOH A O   1 
HETATM 587 O O   . HOH B 2 .  ? 5.149   11.699  -8.721  1.00 32.56 ? 82  HOH A O   1 
HETATM 588 O O   . HOH B 2 .  ? 4.427   7.304   0.362   1.00 31.28 ? 83  HOH A O   1 
HETATM 589 O O   . HOH B 2 .  ? -9.374  2.735   -10.866 1.00 35.59 ? 84  HOH A O   1 
HETATM 590 O O   . HOH B 2 .  ? -8.202  6.146   -8.894  1.00 33.73 ? 85  HOH A O   1 
HETATM 591 O O   . HOH B 2 .  ? -6.099  -6.511  -13.552 1.00 44.53 ? 86  HOH A O   1 
HETATM 592 O O   . HOH B 2 .  ? -9.619  5.922   0.105   1.00 45.04 ? 87  HOH A O   1 
HETATM 593 O O   . HOH B 2 .  ? -19.820 4.996   -2.707  1.00 42.56 ? 88  HOH A O   1 
HETATM 594 O O   . HOH B 2 .  ? -12.668 4.006   -3.225  1.00 39.87 ? 89  HOH A O   1 
HETATM 595 O O   . HOH B 2 .  ? 15.245  2.106   6.211   1.00 47.57 ? 90  HOH A O   1 
HETATM 596 O O   . HOH B 2 .  ? 2.969   9.837   -4.204  1.00 27.98 ? 91  HOH A O   1 
HETATM 597 O O   . HOH B 2 .  ? 6.038   7.643   -1.954  1.00 31.85 ? 92  HOH A O   1 
HETATM 598 O O   . HOH B 2 .  ? -5.087  0.978   -12.474 1.00 38.34 ? 93  HOH A O   1 
HETATM 599 O O   . HOH B 2 .  ? 7.018   8.142   -8.365  1.00 38.36 ? 94  HOH A O   1 
HETATM 600 O O   . HOH B 2 .  ? 3.273   -5.073  -8.931  1.00 43.53 ? 95  HOH A O   1 
HETATM 601 O O   . HOH B 2 .  ? -1.829  -7.121  -7.494  1.00 38.46 ? 96  HOH A O   1 
HETATM 602 O O   . HOH B 2 .  ? 5.056   1.538   -13.841 1.00 44.23 ? 97  HOH A O   1 
HETATM 603 O O   . HOH B 2 .  ? -4.510  4.151   -13.047 1.00 54.05 ? 98  HOH A O   1 
HETATM 604 O O   . HOH B 2 .  ? 12.230  11.641  -3.572  1.00 54.10 ? 99  HOH A O   1 
HETATM 605 O O   . HOH B 2 .  ? 6.260   9.361   -5.979  1.00 41.22 ? 100 HOH A O   1 
HETATM 606 O O   . HOH B 2 .  ? 1.345   -6.226  -8.312  1.00 40.82 ? 101 HOH A O   1 
HETATM 607 O O   . HOH B 2 .  ? -3.346  -5.021  10.601  1.00 56.13 ? 102 HOH A O   1 
HETATM 608 O O   . HOH B 2 .  ? -6.106  7.291   -11.204 1.00 46.31 ? 103 HOH A O   1 
HETATM 609 O O   . HOH B 2 .  ? -7.873  -8.906  -10.568 1.00 38.08 ? 104 HOH A O   1 
HETATM 610 O O   . HOH B 2 .  ? -4.873  9.440   0.185   1.00 42.90 ? 105 HOH A O   1 
HETATM 611 O O   . HOH B 2 .  ? -0.821  0.065   -11.672 1.00 49.33 ? 106 HOH A O   1 
HETATM 612 O O   . HOH B 2 .  ? 0.417   -9.055  -3.202  1.00 54.01 ? 107 HOH A O   1 
HETATM 613 O O   . HOH B 2 .  ? 1.596   -2.872  -11.529 1.00 56.71 ? 108 HOH A O   1 
HETATM 614 O O   . HOH B 2 .  ? 3.825   -1.644  13.241  0.50 30.24 ? 109 HOH A O   1 
HETATM 615 O O   . HOH B 2 .  ? -3.899  -9.237  -7.727  1.00 50.42 ? 110 HOH A O   1 
HETATM 616 O O   . HOH B 2 .  ? -7.338  8.916   0.431   1.00 49.72 ? 111 HOH A O   1 
HETATM 617 O O   . HOH B 2 .  ? -5.653  12.194  -0.343  1.00 53.01 ? 112 HOH A O   1 
HETATM 618 O O   . HOH B 2 .  ? -1.411  8.803   4.336   1.00 50.27 ? 113 HOH A O   1 
HETATM 619 O O   . HOH B 2 .  ? 12.766  4.442   6.046   1.00 52.93 ? 114 HOH A O   1 
HETATM 620 O O   . HOH B 2 .  ? -4.721  -2.723  3.819   1.00 48.97 ? 115 HOH A O   1 
HETATM 621 O O   . HOH B 2 .  ? 10.958  5.080   -8.418  1.00 53.33 ? 116 HOH A O   1 
HETATM 622 O O   . HOH B 2 .  ? 7.985   5.305   -16.314 1.00 45.88 ? 117 HOH A O   1 
HETATM 623 O O   . HOH B 2 .  ? 0.204   -8.631  -5.777  1.00 50.63 ? 118 HOH A O   1 
HETATM 624 O O   A HOH B 2 .  ? -2.688  -5.233  -13.469 0.60 37.33 ? 119 HOH A O   1 
HETATM 625 O O   . HOH B 2 .  ? -6.297  12.651  -6.163  1.00 34.93 ? 120 HOH A O   1 
HETATM 626 O O   . HOH B 2 .  ? 6.090   -0.711  14.014  0.50 39.55 ? 121 HOH A O   1 
# 
loop_
_pdbx_poly_seq_scheme.asym_id 
_pdbx_poly_seq_scheme.entity_id 
_pdbx_poly_seq_scheme.seq_id 
_pdbx_poly_seq_scheme.mon_id 
_pdbx_poly_seq_scheme.ndb_seq_num 
_pdbx_poly_seq_scheme.pdb_seq_num 
_pdbx_poly_seq_scheme.auth_seq_num 
_pdbx_poly_seq_scheme.pdb_mon_id 
_pdbx_poly_seq_scheme.auth_mon_id 
_pdbx_poly_seq_scheme.pdb_strand_id 
_pdbx_poly_seq_scheme.pdb_ins_code 
_pdbx_poly_seq_scheme.hetero 
A 1 1  SER 1  -2 ?  ?   ?   A . n 
A 1 2  ASN 2  -1 ?  ?   ?   A . n 
A 1 3  ALA 3  0  ?  ?   ?   A . n 
A 1 4  MET 4  1  ?  ?   ?   A . n 
A 1 5  VAL 5  2  ?  ?   ?   A . n 
A 1 6  LYS 6  3  3  LYS LYS A . n 
A 1 7  GLU 7  4  4  GLU GLU A . n 
A 1 8  THR 8  5  5  THR THR A . n 
A 1 9  GLY 9  6  6  GLY GLY A . n 
A 1 10 TYR 10 7  7  TYR TYR A . n 
A 1 11 TYR 11 8  8  TYR TYR A . n 
A 1 12 ASP 12 9  9  ASP ASP A . n 
A 1 13 VAL 13 10 10 VAL VAL A . n 
A 1 14 LEU 14 11 11 LEU LEU A . n 
A 1 15 GLY 15 12 12 GLY GLY A . n 
A 1 16 VAL 16 13 13 VAL VAL A . n 
A 1 17 LYS 17 14 14 LYS LYS A . n 
A 1 18 PRO 18 15 15 PRO PRO A . n 
A 1 19 ASP 19 16 16 ASP ASP A . n 
A 1 20 ALA 20 17 17 ALA ALA A . n 
A 1 21 SER 21 18 18 SER SER A . n 
A 1 22 ASP 22 19 19 ASP ASP A . n 
A 1 23 ASN 23 20 20 ASN ASN A . n 
A 1 24 GLU 24 21 21 GLU GLU A . n 
A 1 25 LEU 25 22 22 LEU LEU A . n 
A 1 26 LYS 26 23 23 LYS LYS A . n 
A 1 27 LYS 27 24 24 LYS LYS A . n 
A 1 28 ALA 28 25 25 ALA ALA A . n 
A 1 29 TYR 29 26 26 TYR TYR A . n 
A 1 30 ARG 30 27 27 ARG ARG A . n 
A 1 31 LYS 31 28 28 LYS LYS A . n 
A 1 32 MET 32 29 29 MET MET A . n 
A 1 33 ALA 33 30 30 ALA ALA A . n 
A 1 34 LEU 34 31 31 LEU LEU A . n 
A 1 35 LYS 35 32 32 LYS LYS A . n 
A 1 36 PHE 36 33 33 PHE PHE A . n 
A 1 37 HIS 37 34 34 HIS HIS A . n 
A 1 38 PRO 38 35 35 PRO PRO A . n 
A 1 39 ASP 39 36 36 ASP ASP A . n 
A 1 40 LYS 40 37 37 LYS LYS A . n 
A 1 41 ASN 41 38 38 ASN ASN A . n 
A 1 42 PRO 42 39 39 PRO PRO A . n 
A 1 43 ASP 43 40 40 ASP ASP A . n 
A 1 44 GLY 44 41 41 GLY GLY A . n 
A 1 45 ALA 45 42 42 ALA ALA A . n 
A 1 46 GLU 46 43 43 GLU GLU A . n 
A 1 47 GLN 47 44 44 GLN GLN A . n 
A 1 48 PHE 48 45 45 PHE PHE A . n 
A 1 49 LYS 49 46 46 LYS LYS A . n 
A 1 50 GLN 50 47 47 GLN GLN A . n 
A 1 51 ILE 51 48 48 ILE ILE A . n 
A 1 52 SER 52 49 49 SER SER A . n 
A 1 53 GLN 53 50 50 GLN GLN A . n 
A 1 54 ALA 54 51 51 ALA ALA A . n 
A 1 55 TYR 55 52 52 TYR TYR A . n 
A 1 56 GLU 56 53 53 GLU GLU A . n 
A 1 57 VAL 57 54 54 VAL VAL A . n 
A 1 58 LEU 58 55 55 LEU LEU A . n 
A 1 59 SER 59 56 56 SER SER A . n 
A 1 60 ASP 60 57 57 ASP ASP A . n 
A 1 61 GLU 61 58 58 GLU GLU A . n 
A 1 62 LYS 62 59 59 LYS LYS A . n 
A 1 63 LYS 63 60 60 LYS LYS A . n 
A 1 64 ARG 64 61 61 ARG ARG A . n 
A 1 65 GLN 65 62 62 GLN GLN A . n 
A 1 66 ILE 66 63 63 ILE ILE A . n 
A 1 67 TYR 67 64 64 TYR TYR A . n 
A 1 68 ASP 68 65 65 ASP ASP A . n 
A 1 69 GLN 69 66 66 GLN GLN A . n 
A 1 70 GLY 70 67 67 GLY GLY A . n 
A 1 71 GLY 71 68 68 GLY GLY A . n 
A 1 72 GLU 72 69 ?  ?   ?   A . n 
A 1 73 GLU 73 70 ?  ?   ?   A . n 
# 
_pdbx_SG_project.id                    1 
_pdbx_SG_project.project_name          'PSI, Protein Structure Initiative' 
_pdbx_SG_project.full_name_of_center   'Midwest Center for Structural Genomics' 
_pdbx_SG_project.initial_of_center     MCSG 
# 
loop_
_pdbx_nonpoly_scheme.asym_id 
_pdbx_nonpoly_scheme.entity_id 
_pdbx_nonpoly_scheme.mon_id 
_pdbx_nonpoly_scheme.ndb_seq_num 
_pdbx_nonpoly_scheme.pdb_seq_num 
_pdbx_nonpoly_scheme.auth_seq_num 
_pdbx_nonpoly_scheme.pdb_mon_id 
_pdbx_nonpoly_scheme.auth_mon_id 
_pdbx_nonpoly_scheme.pdb_strand_id 
_pdbx_nonpoly_scheme.pdb_ins_code 
B 2 HOH 1  71  1  HOH HOH A . 
B 2 HOH 2  72  2  HOH HOH A . 
B 2 HOH 3  73  3  HOH HOH A . 
B 2 HOH 4  74  4  HOH HOH A . 
B 2 HOH 5  75  5  HOH HOH A . 
B 2 HOH 6  76  6  HOH HOH A . 
B 2 HOH 7  77  7  HOH HOH A . 
B 2 HOH 8  78  8  HOH HOH A . 
B 2 HOH 9  79  9  HOH HOH A . 
B 2 HOH 10 80  10 HOH HOH A . 
B 2 HOH 11 81  11 HOH HOH A . 
B 2 HOH 12 82  12 HOH HOH A . 
B 2 HOH 13 83  13 HOH HOH A . 
B 2 HOH 14 84  14 HOH HOH A . 
B 2 HOH 15 85  16 HOH HOH A . 
B 2 HOH 16 86  17 HOH HOH A . 
B 2 HOH 17 87  18 HOH HOH A . 
B 2 HOH 18 88  19 HOH HOH A . 
B 2 HOH 19 89  20 HOH HOH A . 
B 2 HOH 20 90  21 HOH HOH A . 
B 2 HOH 21 91  22 HOH HOH A . 
B 2 HOH 22 92  23 HOH HOH A . 
B 2 HOH 23 93  24 HOH HOH A . 
B 2 HOH 24 94  25 HOH HOH A . 
B 2 HOH 25 95  26 HOH HOH A . 
B 2 HOH 26 96  27 HOH HOH A . 
B 2 HOH 27 97  28 HOH HOH A . 
B 2 HOH 28 98  29 HOH HOH A . 
B 2 HOH 29 99  30 HOH HOH A . 
B 2 HOH 30 100 31 HOH HOH A . 
B 2 HOH 31 101 32 HOH HOH A . 
B 2 HOH 32 102 33 HOH HOH A . 
B 2 HOH 33 103 34 HOH HOH A . 
B 2 HOH 34 104 35 HOH HOH A . 
B 2 HOH 35 105 36 HOH HOH A . 
B 2 HOH 36 106 37 HOH HOH A . 
B 2 HOH 37 107 38 HOH HOH A . 
B 2 HOH 38 108 39 HOH HOH A . 
B 2 HOH 39 109 40 HOH HOH A . 
B 2 HOH 40 110 41 HOH HOH A . 
B 2 HOH 41 111 42 HOH HOH A . 
B 2 HOH 42 112 43 HOH HOH A . 
B 2 HOH 43 113 44 HOH HOH A . 
B 2 HOH 44 114 45 HOH HOH A . 
B 2 HOH 45 115 46 HOH HOH A . 
B 2 HOH 46 116 47 HOH HOH A . 
B 2 HOH 47 117 48 HOH HOH A . 
B 2 HOH 48 118 49 HOH HOH A . 
B 2 HOH 49 119 50 HOH HOH A . 
B 2 HOH 50 120 51 HOH HOH A . 
B 2 HOH 51 121 52 HOH HOH A . 
# 
_pdbx_struct_assembly.id                   1 
_pdbx_struct_assembly.details              author_defined_assembly 
_pdbx_struct_assembly.method_details       ? 
_pdbx_struct_assembly.oligomeric_details   monomeric 
_pdbx_struct_assembly.oligomeric_count     1 
# 
_pdbx_struct_assembly_gen.assembly_id       1 
_pdbx_struct_assembly_gen.oper_expression   1 
_pdbx_struct_assembly_gen.asym_id_list      A,B 
# 
_pdbx_struct_oper_list.id                   1 
_pdbx_struct_oper_list.type                 'identity operation' 
_pdbx_struct_oper_list.name                 1_555 
_pdbx_struct_oper_list.symmetry_operation   x,y,z 
_pdbx_struct_oper_list.matrix[1][1]         1.0000000000 
_pdbx_struct_oper_list.matrix[1][2]         0.0000000000 
_pdbx_struct_oper_list.matrix[1][3]         0.0000000000 
_pdbx_struct_oper_list.vector[1]            0.0000000000 
_pdbx_struct_oper_list.matrix[2][1]         0.0000000000 
_pdbx_struct_oper_list.matrix[2][2]         1.0000000000 
_pdbx_struct_oper_list.matrix[2][3]         0.0000000000 
_pdbx_struct_oper_list.vector[2]            0.0000000000 
_pdbx_struct_oper_list.matrix[3][1]         0.0000000000 
_pdbx_struct_oper_list.matrix[3][2]         0.0000000000 
_pdbx_struct_oper_list.matrix[3][3]         1.0000000000 
_pdbx_struct_oper_list.vector[3]            0.0000000000 
# 
loop_
_pdbx_struct_special_symmetry.id 
_pdbx_struct_special_symmetry.PDB_model_num 
_pdbx_struct_special_symmetry.auth_asym_id 
_pdbx_struct_special_symmetry.auth_comp_id 
_pdbx_struct_special_symmetry.auth_seq_id 
_pdbx_struct_special_symmetry.PDB_ins_code 
_pdbx_struct_special_symmetry.label_asym_id 
_pdbx_struct_special_symmetry.label_comp_id 
_pdbx_struct_special_symmetry.label_seq_id 
1 1 A HOH 73  ? B HOH . 
2 1 A HOH 121 ? B HOH . 
# 
loop_
_pdbx_audit_revision_history.ordinal 
_pdbx_audit_revision_history.data_content_type 
_pdbx_audit_revision_history.major_revision 
_pdbx_audit_revision_history.minor_revision 
_pdbx_audit_revision_history.revision_date 
1 'Structure model' 1 0 2007-01-23 
2 'Structure model' 1 1 2008-05-01 
3 'Structure model' 1 2 2011-07-13 
4 'Structure model' 1 3 2023-08-30 
# 
_pdbx_audit_revision_details.ordinal             1 
_pdbx_audit_revision_details.revision_ordinal    1 
_pdbx_audit_revision_details.data_content_type   'Structure model' 
_pdbx_audit_revision_details.provider            repository 
_pdbx_audit_revision_details.type                'Initial release' 
_pdbx_audit_revision_details.description         ? 
_pdbx_audit_revision_details.details             ? 
# 
loop_
_pdbx_audit_revision_group.ordinal 
_pdbx_audit_revision_group.revision_ordinal 
_pdbx_audit_revision_group.data_content_type 
_pdbx_audit_revision_group.group 
1 2 'Structure model' 'Version format compliance' 
2 3 'Structure model' Advisory                    
3 3 'Structure model' 'Version format compliance' 
4 4 'Structure model' 'Data collection'           
5 4 'Structure model' 'Database references'       
6 4 'Structure model' 'Refinement description'    
# 
loop_
_pdbx_audit_revision_category.ordinal 
_pdbx_audit_revision_category.revision_ordinal 
_pdbx_audit_revision_category.data_content_type 
_pdbx_audit_revision_category.category 
1 4 'Structure model' chem_comp_atom                
2 4 'Structure model' chem_comp_bond                
3 4 'Structure model' database_2                    
4 4 'Structure model' pdbx_initial_refinement_model 
5 4 'Structure model' struct_ref_seq_dif            
# 
loop_
_pdbx_audit_revision_item.ordinal 
_pdbx_audit_revision_item.revision_ordinal 
_pdbx_audit_revision_item.data_content_type 
_pdbx_audit_revision_item.item 
1 4 'Structure model' '_database_2.pdbx_DOI'                
2 4 'Structure model' '_database_2.pdbx_database_accession' 
3 4 'Structure model' '_struct_ref_seq_dif.details'         
# 
loop_
_pdbx_refine_tls.id 
_pdbx_refine_tls.details 
_pdbx_refine_tls.method 
_pdbx_refine_tls.origin_x 
_pdbx_refine_tls.origin_y 
_pdbx_refine_tls.origin_z 
_pdbx_refine_tls.T[1][1] 
_pdbx_refine_tls.T[2][2] 
_pdbx_refine_tls.T[3][3] 
_pdbx_refine_tls.T[1][2] 
_pdbx_refine_tls.T[1][3] 
_pdbx_refine_tls.T[2][3] 
_pdbx_refine_tls.L[1][1] 
_pdbx_refine_tls.L[2][2] 
_pdbx_refine_tls.L[3][3] 
_pdbx_refine_tls.L[1][2] 
_pdbx_refine_tls.L[1][3] 
_pdbx_refine_tls.L[2][3] 
_pdbx_refine_tls.S[1][1] 
_pdbx_refine_tls.S[1][2] 
_pdbx_refine_tls.S[1][3] 
_pdbx_refine_tls.S[2][1] 
_pdbx_refine_tls.S[2][2] 
_pdbx_refine_tls.S[2][3] 
_pdbx_refine_tls.S[3][1] 
_pdbx_refine_tls.S[3][2] 
_pdbx_refine_tls.S[3][3] 
_pdbx_refine_tls.pdbx_refine_id 
1 ? refined 2.9720  2.8620  0.0069  0.0695 0.0470 0.0194 -0.0013 -0.0029 0.0200 6.2678  6.2432  8.2336  -1.8934 1.2908  -0.7463 -0.1702 -0.5232 -0.1394 0.4751  0.1943  -0.0170 0.3606 0.1048  -0.0241 'X-RAY DIFFRACTION' 
2 ? refined 3.1439  -4.0324 8.1225  0.2495 0.2156 0.0643 -0.0412 0.0535  0.0019 20.8754 10.9355 35.8769 5.5233  17.8591 4.3386  1.2752  -1.2944 0.0686  1.4104  -0.5641 -0.4614 2.0834 0.5967  -0.7111 'X-RAY DIFFRACTION' 
3 ? refined -7.9504 -1.9300 -8.0178 0.0228 0.1030 0.0364 -0.0886 -0.0513 0.0539 5.9027  0.9811  1.8183  0.2857  0.2521  -1.3101 -0.0587 0.2736  0.0832  -0.2187 0.2612  0.1006  0.3847 -0.1977 -0.2025 'X-RAY DIFFRACTION' 
# 
loop_
_pdbx_refine_tls_group.id 
_pdbx_refine_tls_group.refine_tls_id 
_pdbx_refine_tls_group.beg_auth_asym_id 
_pdbx_refine_tls_group.beg_auth_seq_id 
_pdbx_refine_tls_group.beg_label_asym_id 
_pdbx_refine_tls_group.beg_label_seq_id 
_pdbx_refine_tls_group.end_auth_asym_id 
_pdbx_refine_tls_group.end_auth_seq_id 
_pdbx_refine_tls_group.end_label_asym_id 
_pdbx_refine_tls_group.end_label_seq_id 
_pdbx_refine_tls_group.selection 
_pdbx_refine_tls_group.pdbx_refine_id 
_pdbx_refine_tls_group.selection_details 
1 1 A 3  A 6  A 36 A 39 ? 'X-RAY DIFFRACTION' ? 
2 2 A 37 A 40 A 51 A 54 ? 'X-RAY DIFFRACTION' ? 
3 3 A 52 A 55 A 68 A 71 ? 'X-RAY DIFFRACTION' ? 
# 
loop_
_software.name 
_software.classification 
_software.version 
_software.citation_id 
_software.pdbx_ordinal 
REFMAC   refinement        5.2.0019 ? 1 
HKL-2000 'data collection' .        ? 2 
HKL-2000 'data reduction'  .        ? 3 
HKL-2000 'data scaling'    .        ? 4 
MOLREP   phasing           .        ? 5 
# 
_pdbx_database_remark.id     300 
_pdbx_database_remark.text   
;BIOMOLECULE: 1
THIS ENTRY CONTAINS THE CRYSTALLOGRAPHIC ASYMMETRIC UNIT 
WHICH CONSISTS OF 1 CHAIN. THE BIOLOGICAL UNIT OF THE 
PROTEIN IS NOT KNOWN
;
# 
_pdbx_validate_rmsd_angle.id                         1 
_pdbx_validate_rmsd_angle.PDB_model_num              1 
_pdbx_validate_rmsd_angle.auth_atom_id_1             NE 
_pdbx_validate_rmsd_angle.auth_asym_id_1             A 
_pdbx_validate_rmsd_angle.auth_comp_id_1             ARG 
_pdbx_validate_rmsd_angle.auth_seq_id_1              27 
_pdbx_validate_rmsd_angle.PDB_ins_code_1             ? 
_pdbx_validate_rmsd_angle.label_alt_id_1             B 
_pdbx_validate_rmsd_angle.auth_atom_id_2             CZ 
_pdbx_validate_rmsd_angle.auth_asym_id_2             A 
_pdbx_validate_rmsd_angle.auth_comp_id_2             ARG 
_pdbx_validate_rmsd_angle.auth_seq_id_2              27 
_pdbx_validate_rmsd_angle.PDB_ins_code_2             ? 
_pdbx_validate_rmsd_angle.label_alt_id_2             B 
_pdbx_validate_rmsd_angle.auth_atom_id_3             NH1 
_pdbx_validate_rmsd_angle.auth_asym_id_3             A 
_pdbx_validate_rmsd_angle.auth_comp_id_3             ARG 
_pdbx_validate_rmsd_angle.auth_seq_id_3              27 
_pdbx_validate_rmsd_angle.PDB_ins_code_3             ? 
_pdbx_validate_rmsd_angle.label_alt_id_3             B 
_pdbx_validate_rmsd_angle.angle_value                123.47 
_pdbx_validate_rmsd_angle.angle_target_value         120.30 
_pdbx_validate_rmsd_angle.angle_deviation            3.17 
_pdbx_validate_rmsd_angle.angle_standard_deviation   0.50 
_pdbx_validate_rmsd_angle.linker_flag                N 
# 
loop_
_pdbx_validate_torsion.id 
_pdbx_validate_torsion.PDB_model_num 
_pdbx_validate_torsion.auth_comp_id 
_pdbx_validate_torsion.auth_asym_id 
_pdbx_validate_torsion.auth_seq_id 
_pdbx_validate_torsion.PDB_ins_code 
_pdbx_validate_torsion.label_alt_id 
_pdbx_validate_torsion.phi 
_pdbx_validate_torsion.psi 
1 1 GLU A 4  ? ? -78.71 29.45 
2 1 PRO A 35 ? ? -55.64 -1.58 
# 
loop_
_pdbx_unobs_or_zero_occ_residues.id 
_pdbx_unobs_or_zero_occ_residues.PDB_model_num 
_pdbx_unobs_or_zero_occ_residues.polymer_flag 
_pdbx_unobs_or_zero_occ_residues.occupancy_flag 
_pdbx_unobs_or_zero_occ_residues.auth_asym_id 
_pdbx_unobs_or_zero_occ_residues.auth_comp_id 
_pdbx_unobs_or_zero_occ_residues.auth_seq_id 
_pdbx_unobs_or_zero_occ_residues.PDB_ins_code 
_pdbx_unobs_or_zero_occ_residues.label_asym_id 
_pdbx_unobs_or_zero_occ_residues.label_comp_id 
_pdbx_unobs_or_zero_occ_residues.label_seq_id 
1 1 Y 1 A SER -2 ? A SER 1  
2 1 Y 1 A ASN -1 ? A ASN 2  
3 1 Y 1 A ALA 0  ? A ALA 3  
4 1 Y 1 A MET 1  ? A MET 4  
5 1 Y 1 A VAL 2  ? A VAL 5  
6 1 Y 1 A GLU 69 ? A GLU 72 
7 1 Y 1 A GLU 70 ? A GLU 73 
# 
loop_
_chem_comp_atom.comp_id 
_chem_comp_atom.atom_id 
_chem_comp_atom.type_symbol 
_chem_comp_atom.pdbx_aromatic_flag 
_chem_comp_atom.pdbx_stereo_config 
_chem_comp_atom.pdbx_ordinal 
ALA N    N N N 1   
ALA CA   C N S 2   
ALA C    C N N 3   
ALA O    O N N 4   
ALA CB   C N N 5   
ALA OXT  O N N 6   
ALA H    H N N 7   
ALA H2   H N N 8   
ALA HA   H N N 9   
ALA HB1  H N N 10  
ALA HB2  H N N 11  
ALA HB3  H N N 12  
ALA HXT  H N N 13  
ARG N    N N N 14  
ARG CA   C N S 15  
ARG C    C N N 16  
ARG O    O N N 17  
ARG CB   C N N 18  
ARG CG   C N N 19  
ARG CD   C N N 20  
ARG NE   N N N 21  
ARG CZ   C N N 22  
ARG NH1  N N N 23  
ARG NH2  N N N 24  
ARG OXT  O N N 25  
ARG H    H N N 26  
ARG H2   H N N 27  
ARG HA   H N N 28  
ARG HB2  H N N 29  
ARG HB3  H N N 30  
ARG HG2  H N N 31  
ARG HG3  H N N 32  
ARG HD2  H N N 33  
ARG HD3  H N N 34  
ARG HE   H N N 35  
ARG HH11 H N N 36  
ARG HH12 H N N 37  
ARG HH21 H N N 38  
ARG HH22 H N N 39  
ARG HXT  H N N 40  
ASN N    N N N 41  
ASN CA   C N S 42  
ASN C    C N N 43  
ASN O    O N N 44  
ASN CB   C N N 45  
ASN CG   C N N 46  
ASN OD1  O N N 47  
ASN ND2  N N N 48  
ASN OXT  O N N 49  
ASN H    H N N 50  
ASN H2   H N N 51  
ASN HA   H N N 52  
ASN HB2  H N N 53  
ASN HB3  H N N 54  
ASN HD21 H N N 55  
ASN HD22 H N N 56  
ASN HXT  H N N 57  
ASP N    N N N 58  
ASP CA   C N S 59  
ASP C    C N N 60  
ASP O    O N N 61  
ASP CB   C N N 62  
ASP CG   C N N 63  
ASP OD1  O N N 64  
ASP OD2  O N N 65  
ASP OXT  O N N 66  
ASP H    H N N 67  
ASP H2   H N N 68  
ASP HA   H N N 69  
ASP HB2  H N N 70  
ASP HB3  H N N 71  
ASP HD2  H N N 72  
ASP HXT  H N N 73  
GLN N    N N N 74  
GLN CA   C N S 75  
GLN C    C N N 76  
GLN O    O N N 77  
GLN CB   C N N 78  
GLN CG   C N N 79  
GLN CD   C N N 80  
GLN OE1  O N N 81  
GLN NE2  N N N 82  
GLN OXT  O N N 83  
GLN H    H N N 84  
GLN H2   H N N 85  
GLN HA   H N N 86  
GLN HB2  H N N 87  
GLN HB3  H N N 88  
GLN HG2  H N N 89  
GLN HG3  H N N 90  
GLN HE21 H N N 91  
GLN HE22 H N N 92  
GLN HXT  H N N 93  
GLU N    N N N 94  
GLU CA   C N S 95  
GLU C    C N N 96  
GLU O    O N N 97  
GLU CB   C N N 98  
GLU CG   C N N 99  
GLU CD   C N N 100 
GLU OE1  O N N 101 
GLU OE2  O N N 102 
GLU OXT  O N N 103 
GLU H    H N N 104 
GLU H2   H N N 105 
GLU HA   H N N 106 
GLU HB2  H N N 107 
GLU HB3  H N N 108 
GLU HG2  H N N 109 
GLU HG3  H N N 110 
GLU HE2  H N N 111 
GLU HXT  H N N 112 
GLY N    N N N 113 
GLY CA   C N N 114 
GLY C    C N N 115 
GLY O    O N N 116 
GLY OXT  O N N 117 
GLY H    H N N 118 
GLY H2   H N N 119 
GLY HA2  H N N 120 
GLY HA3  H N N 121 
GLY HXT  H N N 122 
HIS N    N N N 123 
HIS CA   C N S 124 
HIS C    C N N 125 
HIS O    O N N 126 
HIS CB   C N N 127 
HIS CG   C Y N 128 
HIS ND1  N Y N 129 
HIS CD2  C Y N 130 
HIS CE1  C Y N 131 
HIS NE2  N Y N 132 
HIS OXT  O N N 133 
HIS H    H N N 134 
HIS H2   H N N 135 
HIS HA   H N N 136 
HIS HB2  H N N 137 
HIS HB3  H N N 138 
HIS HD1  H N N 139 
HIS HD2  H N N 140 
HIS HE1  H N N 141 
HIS HE2  H N N 142 
HIS HXT  H N N 143 
HOH O    O N N 144 
HOH H1   H N N 145 
HOH H2   H N N 146 
ILE N    N N N 147 
ILE CA   C N S 148 
ILE C    C N N 149 
ILE O    O N N 150 
ILE CB   C N S 151 
ILE CG1  C N N 152 
ILE CG2  C N N 153 
ILE CD1  C N N 154 
ILE OXT  O N N 155 
ILE H    H N N 156 
ILE H2   H N N 157 
ILE HA   H N N 158 
ILE HB   H N N 159 
ILE HG12 H N N 160 
ILE HG13 H N N 161 
ILE HG21 H N N 162 
ILE HG22 H N N 163 
ILE HG23 H N N 164 
ILE HD11 H N N 165 
ILE HD12 H N N 166 
ILE HD13 H N N 167 
ILE HXT  H N N 168 
LEU N    N N N 169 
LEU CA   C N S 170 
LEU C    C N N 171 
LEU O    O N N 172 
LEU CB   C N N 173 
LEU CG   C N N 174 
LEU CD1  C N N 175 
LEU CD2  C N N 176 
LEU OXT  O N N 177 
LEU H    H N N 178 
LEU H2   H N N 179 
LEU HA   H N N 180 
LEU HB2  H N N 181 
LEU HB3  H N N 182 
LEU HG   H N N 183 
LEU HD11 H N N 184 
LEU HD12 H N N 185 
LEU HD13 H N N 186 
LEU HD21 H N N 187 
LEU HD22 H N N 188 
LEU HD23 H N N 189 
LEU HXT  H N N 190 
LYS N    N N N 191 
LYS CA   C N S 192 
LYS C    C N N 193 
LYS O    O N N 194 
LYS CB   C N N 195 
LYS CG   C N N 196 
LYS CD   C N N 197 
LYS CE   C N N 198 
LYS NZ   N N N 199 
LYS OXT  O N N 200 
LYS H    H N N 201 
LYS H2   H N N 202 
LYS HA   H N N 203 
LYS HB2  H N N 204 
LYS HB3  H N N 205 
LYS HG2  H N N 206 
LYS HG3  H N N 207 
LYS HD2  H N N 208 
LYS HD3  H N N 209 
LYS HE2  H N N 210 
LYS HE3  H N N 211 
LYS HZ1  H N N 212 
LYS HZ2  H N N 213 
LYS HZ3  H N N 214 
LYS HXT  H N N 215 
MET N    N N N 216 
MET CA   C N S 217 
MET C    C N N 218 
MET O    O N N 219 
MET CB   C N N 220 
MET CG   C N N 221 
MET SD   S N N 222 
MET CE   C N N 223 
MET OXT  O N N 224 
MET H    H N N 225 
MET H2   H N N 226 
MET HA   H N N 227 
MET HB2  H N N 228 
MET HB3  H N N 229 
MET HG2  H N N 230 
MET HG3  H N N 231 
MET HE1  H N N 232 
MET HE2  H N N 233 
MET HE3  H N N 234 
MET HXT  H N N 235 
PHE N    N N N 236 
PHE CA   C N S 237 
PHE C    C N N 238 
PHE O    O N N 239 
PHE CB   C N N 240 
PHE CG   C Y N 241 
PHE CD1  C Y N 242 
PHE CD2  C Y N 243 
PHE CE1  C Y N 244 
PHE CE2  C Y N 245 
PHE CZ   C Y N 246 
PHE OXT  O N N 247 
PHE H    H N N 248 
PHE H2   H N N 249 
PHE HA   H N N 250 
PHE HB2  H N N 251 
PHE HB3  H N N 252 
PHE HD1  H N N 253 
PHE HD2  H N N 254 
PHE HE1  H N N 255 
PHE HE2  H N N 256 
PHE HZ   H N N 257 
PHE HXT  H N N 258 
PRO N    N N N 259 
PRO CA   C N S 260 
PRO C    C N N 261 
PRO O    O N N 262 
PRO CB   C N N 263 
PRO CG   C N N 264 
PRO CD   C N N 265 
PRO OXT  O N N 266 
PRO H    H N N 267 
PRO HA   H N N 268 
PRO HB2  H N N 269 
PRO HB3  H N N 270 
PRO HG2  H N N 271 
PRO HG3  H N N 272 
PRO HD2  H N N 273 
PRO HD3  H N N 274 
PRO HXT  H N N 275 
SER N    N N N 276 
SER CA   C N S 277 
SER C    C N N 278 
SER O    O N N 279 
SER CB   C N N 280 
SER OG   O N N 281 
SER OXT  O N N 282 
SER H    H N N 283 
SER H2   H N N 284 
SER HA   H N N 285 
SER HB2  H N N 286 
SER HB3  H N N 287 
SER HG   H N N 288 
SER HXT  H N N 289 
THR N    N N N 290 
THR CA   C N S 291 
THR C    C N N 292 
THR O    O N N 293 
THR CB   C N R 294 
THR OG1  O N N 295 
THR CG2  C N N 296 
THR OXT  O N N 297 
THR H    H N N 298 
THR H2   H N N 299 
THR HA   H N N 300 
THR HB   H N N 301 
THR HG1  H N N 302 
THR HG21 H N N 303 
THR HG22 H N N 304 
THR HG23 H N N 305 
THR HXT  H N N 306 
TYR N    N N N 307 
TYR CA   C N S 308 
TYR C    C N N 309 
TYR O    O N N 310 
TYR CB   C N N 311 
TYR CG   C Y N 312 
TYR CD1  C Y N 313 
TYR CD2  C Y N 314 
TYR CE1  C Y N 315 
TYR CE2  C Y N 316 
TYR CZ   C Y N 317 
TYR OH   O N N 318 
TYR OXT  O N N 319 
TYR H    H N N 320 
TYR H2   H N N 321 
TYR HA   H N N 322 
TYR HB2  H N N 323 
TYR HB3  H N N 324 
TYR HD1  H N N 325 
TYR HD2  H N N 326 
TYR HE1  H N N 327 
TYR HE2  H N N 328 
TYR HH   H N N 329 
TYR HXT  H N N 330 
VAL N    N N N 331 
VAL CA   C N S 332 
VAL C    C N N 333 
VAL O    O N N 334 
VAL CB   C N N 335 
VAL CG1  C N N 336 
VAL CG2  C N N 337 
VAL OXT  O N N 338 
VAL H    H N N 339 
VAL H2   H N N 340 
VAL HA   H N N 341 
VAL HB   H N N 342 
VAL HG11 H N N 343 
VAL HG12 H N N 344 
VAL HG13 H N N 345 
VAL HG21 H N N 346 
VAL HG22 H N N 347 
VAL HG23 H N N 348 
VAL HXT  H N N 349 
# 
loop_
_chem_comp_bond.comp_id 
_chem_comp_bond.atom_id_1 
_chem_comp_bond.atom_id_2 
_chem_comp_bond.value_order 
_chem_comp_bond.pdbx_aromatic_flag 
_chem_comp_bond.pdbx_stereo_config 
_chem_comp_bond.pdbx_ordinal 
ALA N   CA   sing N N 1   
ALA N   H    sing N N 2   
ALA N   H2   sing N N 3   
ALA CA  C    sing N N 4   
ALA CA  CB   sing N N 5   
ALA CA  HA   sing N N 6   
ALA C   O    doub N N 7   
ALA C   OXT  sing N N 8   
ALA CB  HB1  sing N N 9   
ALA CB  HB2  sing N N 10  
ALA CB  HB3  sing N N 11  
ALA OXT HXT  sing N N 12  
ARG N   CA   sing N N 13  
ARG N   H    sing N N 14  
ARG N   H2   sing N N 15  
ARG CA  C    sing N N 16  
ARG CA  CB   sing N N 17  
ARG CA  HA   sing N N 18  
ARG C   O    doub N N 19  
ARG C   OXT  sing N N 20  
ARG CB  CG   sing N N 21  
ARG CB  HB2  sing N N 22  
ARG CB  HB3  sing N N 23  
ARG CG  CD   sing N N 24  
ARG CG  HG2  sing N N 25  
ARG CG  HG3  sing N N 26  
ARG CD  NE   sing N N 27  
ARG CD  HD2  sing N N 28  
ARG CD  HD3  sing N N 29  
ARG NE  CZ   sing N N 30  
ARG NE  HE   sing N N 31  
ARG CZ  NH1  sing N N 32  
ARG CZ  NH2  doub N N 33  
ARG NH1 HH11 sing N N 34  
ARG NH1 HH12 sing N N 35  
ARG NH2 HH21 sing N N 36  
ARG NH2 HH22 sing N N 37  
ARG OXT HXT  sing N N 38  
ASN N   CA   sing N N 39  
ASN N   H    sing N N 40  
ASN N   H2   sing N N 41  
ASN CA  C    sing N N 42  
ASN CA  CB   sing N N 43  
ASN CA  HA   sing N N 44  
ASN C   O    doub N N 45  
ASN C   OXT  sing N N 46  
ASN CB  CG   sing N N 47  
ASN CB  HB2  sing N N 48  
ASN CB  HB3  sing N N 49  
ASN CG  OD1  doub N N 50  
ASN CG  ND2  sing N N 51  
ASN ND2 HD21 sing N N 52  
ASN ND2 HD22 sing N N 53  
ASN OXT HXT  sing N N 54  
ASP N   CA   sing N N 55  
ASP N   H    sing N N 56  
ASP N   H2   sing N N 57  
ASP CA  C    sing N N 58  
ASP CA  CB   sing N N 59  
ASP CA  HA   sing N N 60  
ASP C   O    doub N N 61  
ASP C   OXT  sing N N 62  
ASP CB  CG   sing N N 63  
ASP CB  HB2  sing N N 64  
ASP CB  HB3  sing N N 65  
ASP CG  OD1  doub N N 66  
ASP CG  OD2  sing N N 67  
ASP OD2 HD2  sing N N 68  
ASP OXT HXT  sing N N 69  
GLN N   CA   sing N N 70  
GLN N   H    sing N N 71  
GLN N   H2   sing N N 72  
GLN CA  C    sing N N 73  
GLN CA  CB   sing N N 74  
GLN CA  HA   sing N N 75  
GLN C   O    doub N N 76  
GLN C   OXT  sing N N 77  
GLN CB  CG   sing N N 78  
GLN CB  HB2  sing N N 79  
GLN CB  HB3  sing N N 80  
GLN CG  CD   sing N N 81  
GLN CG  HG2  sing N N 82  
GLN CG  HG3  sing N N 83  
GLN CD  OE1  doub N N 84  
GLN CD  NE2  sing N N 85  
GLN NE2 HE21 sing N N 86  
GLN NE2 HE22 sing N N 87  
GLN OXT HXT  sing N N 88  
GLU N   CA   sing N N 89  
GLU N   H    sing N N 90  
GLU N   H2   sing N N 91  
GLU CA  C    sing N N 92  
GLU CA  CB   sing N N 93  
GLU CA  HA   sing N N 94  
GLU C   O    doub N N 95  
GLU C   OXT  sing N N 96  
GLU CB  CG   sing N N 97  
GLU CB  HB2  sing N N 98  
GLU CB  HB3  sing N N 99  
GLU CG  CD   sing N N 100 
GLU CG  HG2  sing N N 101 
GLU CG  HG3  sing N N 102 
GLU CD  OE1  doub N N 103 
GLU CD  OE2  sing N N 104 
GLU OE2 HE2  sing N N 105 
GLU OXT HXT  sing N N 106 
GLY N   CA   sing N N 107 
GLY N   H    sing N N 108 
GLY N   H2   sing N N 109 
GLY CA  C    sing N N 110 
GLY CA  HA2  sing N N 111 
GLY CA  HA3  sing N N 112 
GLY C   O    doub N N 113 
GLY C   OXT  sing N N 114 
GLY OXT HXT  sing N N 115 
HIS N   CA   sing N N 116 
HIS N   H    sing N N 117 
HIS N   H2   sing N N 118 
HIS CA  C    sing N N 119 
HIS CA  CB   sing N N 120 
HIS CA  HA   sing N N 121 
HIS C   O    doub N N 122 
HIS C   OXT  sing N N 123 
HIS CB  CG   sing N N 124 
HIS CB  HB2  sing N N 125 
HIS CB  HB3  sing N N 126 
HIS CG  ND1  sing Y N 127 
HIS CG  CD2  doub Y N 128 
HIS ND1 CE1  doub Y N 129 
HIS ND1 HD1  sing N N 130 
HIS CD2 NE2  sing Y N 131 
HIS CD2 HD2  sing N N 132 
HIS CE1 NE2  sing Y N 133 
HIS CE1 HE1  sing N N 134 
HIS NE2 HE2  sing N N 135 
HIS OXT HXT  sing N N 136 
HOH O   H1   sing N N 137 
HOH O   H2   sing N N 138 
ILE N   CA   sing N N 139 
ILE N   H    sing N N 140 
ILE N   H2   sing N N 141 
ILE CA  C    sing N N 142 
ILE CA  CB   sing N N 143 
ILE CA  HA   sing N N 144 
ILE C   O    doub N N 145 
ILE C   OXT  sing N N 146 
ILE CB  CG1  sing N N 147 
ILE CB  CG2  sing N N 148 
ILE CB  HB   sing N N 149 
ILE CG1 CD1  sing N N 150 
ILE CG1 HG12 sing N N 151 
ILE CG1 HG13 sing N N 152 
ILE CG2 HG21 sing N N 153 
ILE CG2 HG22 sing N N 154 
ILE CG2 HG23 sing N N 155 
ILE CD1 HD11 sing N N 156 
ILE CD1 HD12 sing N N 157 
ILE CD1 HD13 sing N N 158 
ILE OXT HXT  sing N N 159 
LEU N   CA   sing N N 160 
LEU N   H    sing N N 161 
LEU N   H2   sing N N 162 
LEU CA  C    sing N N 163 
LEU CA  CB   sing N N 164 
LEU CA  HA   sing N N 165 
LEU C   O    doub N N 166 
LEU C   OXT  sing N N 167 
LEU CB  CG   sing N N 168 
LEU CB  HB2  sing N N 169 
LEU CB  HB3  sing N N 170 
LEU CG  CD1  sing N N 171 
LEU CG  CD2  sing N N 172 
LEU CG  HG   sing N N 173 
LEU CD1 HD11 sing N N 174 
LEU CD1 HD12 sing N N 175 
LEU CD1 HD13 sing N N 176 
LEU CD2 HD21 sing N N 177 
LEU CD2 HD22 sing N N 178 
LEU CD2 HD23 sing N N 179 
LEU OXT HXT  sing N N 180 
LYS N   CA   sing N N 181 
LYS N   H    sing N N 182 
LYS N   H2   sing N N 183 
LYS CA  C    sing N N 184 
LYS CA  CB   sing N N 185 
LYS CA  HA   sing N N 186 
LYS C   O    doub N N 187 
LYS C   OXT  sing N N 188 
LYS CB  CG   sing N N 189 
LYS CB  HB2  sing N N 190 
LYS CB  HB3  sing N N 191 
LYS CG  CD   sing N N 192 
LYS CG  HG2  sing N N 193 
LYS CG  HG3  sing N N 194 
LYS CD  CE   sing N N 195 
LYS CD  HD2  sing N N 196 
LYS CD  HD3  sing N N 197 
LYS CE  NZ   sing N N 198 
LYS CE  HE2  sing N N 199 
LYS CE  HE3  sing N N 200 
LYS NZ  HZ1  sing N N 201 
LYS NZ  HZ2  sing N N 202 
LYS NZ  HZ3  sing N N 203 
LYS OXT HXT  sing N N 204 
MET N   CA   sing N N 205 
MET N   H    sing N N 206 
MET N   H2   sing N N 207 
MET CA  C    sing N N 208 
MET CA  CB   sing N N 209 
MET CA  HA   sing N N 210 
MET C   O    doub N N 211 
MET C   OXT  sing N N 212 
MET CB  CG   sing N N 213 
MET CB  HB2  sing N N 214 
MET CB  HB3  sing N N 215 
MET CG  SD   sing N N 216 
MET CG  HG2  sing N N 217 
MET CG  HG3  sing N N 218 
MET SD  CE   sing N N 219 
MET CE  HE1  sing N N 220 
MET CE  HE2  sing N N 221 
MET CE  HE3  sing N N 222 
MET OXT HXT  sing N N 223 
PHE N   CA   sing N N 224 
PHE N   H    sing N N 225 
PHE N   H2   sing N N 226 
PHE CA  C    sing N N 227 
PHE CA  CB   sing N N 228 
PHE CA  HA   sing N N 229 
PHE C   O    doub N N 230 
PHE C   OXT  sing N N 231 
PHE CB  CG   sing N N 232 
PHE CB  HB2  sing N N 233 
PHE CB  HB3  sing N N 234 
PHE CG  CD1  doub Y N 235 
PHE CG  CD2  sing Y N 236 
PHE CD1 CE1  sing Y N 237 
PHE CD1 HD1  sing N N 238 
PHE CD2 CE2  doub Y N 239 
PHE CD2 HD2  sing N N 240 
PHE CE1 CZ   doub Y N 241 
PHE CE1 HE1  sing N N 242 
PHE CE2 CZ   sing Y N 243 
PHE CE2 HE2  sing N N 244 
PHE CZ  HZ   sing N N 245 
PHE OXT HXT  sing N N 246 
PRO N   CA   sing N N 247 
PRO N   CD   sing N N 248 
PRO N   H    sing N N 249 
PRO CA  C    sing N N 250 
PRO CA  CB   sing N N 251 
PRO CA  HA   sing N N 252 
PRO C   O    doub N N 253 
PRO C   OXT  sing N N 254 
PRO CB  CG   sing N N 255 
PRO CB  HB2  sing N N 256 
PRO CB  HB3  sing N N 257 
PRO CG  CD   sing N N 258 
PRO CG  HG2  sing N N 259 
PRO CG  HG3  sing N N 260 
PRO CD  HD2  sing N N 261 
PRO CD  HD3  sing N N 262 
PRO OXT HXT  sing N N 263 
SER N   CA   sing N N 264 
SER N   H    sing N N 265 
SER N   H2   sing N N 266 
SER CA  C    sing N N 267 
SER CA  CB   sing N N 268 
SER CA  HA   sing N N 269 
SER C   O    doub N N 270 
SER C   OXT  sing N N 271 
SER CB  OG   sing N N 272 
SER CB  HB2  sing N N 273 
SER CB  HB3  sing N N 274 
SER OG  HG   sing N N 275 
SER OXT HXT  sing N N 276 
THR N   CA   sing N N 277 
THR N   H    sing N N 278 
THR N   H2   sing N N 279 
THR CA  C    sing N N 280 
THR CA  CB   sing N N 281 
THR CA  HA   sing N N 282 
THR C   O    doub N N 283 
THR C   OXT  sing N N 284 
THR CB  OG1  sing N N 285 
THR CB  CG2  sing N N 286 
THR CB  HB   sing N N 287 
THR OG1 HG1  sing N N 288 
THR CG2 HG21 sing N N 289 
THR CG2 HG22 sing N N 290 
THR CG2 HG23 sing N N 291 
THR OXT HXT  sing N N 292 
TYR N   CA   sing N N 293 
TYR N   H    sing N N 294 
TYR N   H2   sing N N 295 
TYR CA  C    sing N N 296 
TYR CA  CB   sing N N 297 
TYR CA  HA   sing N N 298 
TYR C   O    doub N N 299 
TYR C   OXT  sing N N 300 
TYR CB  CG   sing N N 301 
TYR CB  HB2  sing N N 302 
TYR CB  HB3  sing N N 303 
TYR CG  CD1  doub Y N 304 
TYR CG  CD2  sing Y N 305 
TYR CD1 CE1  sing Y N 306 
TYR CD1 HD1  sing N N 307 
TYR CD2 CE2  doub Y N 308 
TYR CD2 HD2  sing N N 309 
TYR CE1 CZ   doub Y N 310 
TYR CE1 HE1  sing N N 311 
TYR CE2 CZ   sing Y N 312 
TYR CE2 HE2  sing N N 313 
TYR CZ  OH   sing N N 314 
TYR OH  HH   sing N N 315 
TYR OXT HXT  sing N N 316 
VAL N   CA   sing N N 317 
VAL N   H    sing N N 318 
VAL N   H2   sing N N 319 
VAL CA  C    sing N N 320 
VAL CA  CB   sing N N 321 
VAL CA  HA   sing N N 322 
VAL C   O    doub N N 323 
VAL C   OXT  sing N N 324 
VAL CB  CG1  sing N N 325 
VAL CB  CG2  sing N N 326 
VAL CB  HB   sing N N 327 
VAL CG1 HG11 sing N N 328 
VAL CG1 HG12 sing N N 329 
VAL CG1 HG13 sing N N 330 
VAL CG2 HG21 sing N N 331 
VAL CG2 HG22 sing N N 332 
VAL CG2 HG23 sing N N 333 
VAL OXT HXT  sing N N 334 
# 
_pdbx_entity_nonpoly.entity_id   2 
_pdbx_entity_nonpoly.name        water 
_pdbx_entity_nonpoly.comp_id     HOH 
# 
_pdbx_initial_refinement_model.id               1 
_pdbx_initial_refinement_model.entity_id_list   ? 
_pdbx_initial_refinement_model.type             'experimental model' 
_pdbx_initial_refinement_model.source_name      PDB 
_pdbx_initial_refinement_model.accession_code   2O37 
_pdbx_initial_refinement_model.details          '2O37 PDB ENTRY' 
# 
